data_3DP7
#
_entry.id   3DP7
#
_cell.length_a   130.804
_cell.length_b   130.804
_cell.length_c   122.747
_cell.angle_alpha   90.000
_cell.angle_beta   90.000
_cell.angle_gamma   120.000
#
_symmetry.space_group_name_H-M   'P 64'
#
loop_
_entity.id
_entity.type
_entity.pdbx_description
1 polymer 'SAM-dependent methyltransferase'
2 water water
#
_entity_poly.entity_id   1
_entity_poly.type   'polypeptide(L)'
_entity_poly.pdbx_seq_one_letter_code
;MSLRYTKEQCTAAEAQRLAQEIAFGPVVFQVSRLMLKFGIFQLLSGKREGYTLQEISGRTGLTRYAAQVLLEASLTIGTI
LLEEDRYVLAKAGWFLLNDKMARVNMEFNHDVNYQGLFHLEEALLNGRPEGLKVFGEWPTIYEGLSQLPEQVQKSWFGFD
HFYSDQSFGKALEIVFSHHPKRLLDIGGNTGKWATQCVQYNKEVEVTIVDLPQQLEMMRKQTAGLSGSERIHGHGANLLD
RDVPFPTGFDAVWMSQFLDCFSEEEVISILTRVAQSIGKDSKVYIMETLWDRQRYETASYCLTQISLYFTAMANGNSKMF
HSDDLIRCIENAGLEVEEIQDNIGLGHSILQCRLKEGHHHHHH
;
_entity_poly.pdbx_strand_id   A,B
#
# COMPACT_ATOMS: atom_id res chain seq x y z
N TYR A 5 -15.98 3.46 15.55
CA TYR A 5 -17.32 3.95 15.15
C TYR A 5 -17.35 5.49 15.06
N THR A 6 -16.37 6.10 15.71
CA THR A 6 -16.03 7.48 15.53
C THR A 6 -16.71 8.10 14.33
N LYS A 7 -16.06 7.93 13.20
CA LYS A 7 -16.45 8.58 11.97
C LYS A 7 -17.05 9.93 12.34
N GLU A 8 -16.18 10.83 12.85
CA GLU A 8 -16.48 12.22 13.30
C GLU A 8 -15.25 12.98 13.93
N GLN A 9 -14.18 13.10 13.11
CA GLN A 9 -12.88 13.88 13.23
C GLN A 9 -11.74 13.57 14.24
N CYS A 10 -10.63 13.07 13.74
CA CYS A 10 -9.66 12.50 14.65
C CYS A 10 -8.24 13.04 14.64
N THR A 11 -7.89 13.93 13.71
CA THR A 11 -6.47 14.31 13.63
C THR A 11 -6.15 15.82 13.50
N ALA A 12 -5.32 16.36 14.40
CA ALA A 12 -4.79 17.73 14.26
C ALA A 12 -4.41 17.83 12.81
N ALA A 13 -3.89 18.95 12.37
CA ALA A 13 -3.39 19.00 10.99
C ALA A 13 -2.13 18.13 10.82
N GLU A 14 -1.99 17.15 11.72
CA GLU A 14 -1.22 15.89 11.55
C GLU A 14 -2.03 14.88 10.70
N ALA A 15 -3.13 15.38 10.15
CA ALA A 15 -3.83 14.69 9.08
C ALA A 15 -2.95 14.73 7.83
N GLN A 16 -2.02 15.69 7.80
CA GLN A 16 -1.08 15.85 6.69
C GLN A 16 -0.20 14.63 6.64
N ARG A 17 0.14 14.09 7.80
CA ARG A 17 0.99 12.92 7.83
C ARG A 17 0.26 11.69 7.33
N LEU A 18 -1.03 11.62 7.64
CA LEU A 18 -1.82 10.48 7.26
C LEU A 18 -1.93 10.43 5.76
N ALA A 19 -2.08 11.58 5.14
CA ALA A 19 -2.16 11.63 3.70
C ALA A 19 -0.91 10.95 3.12
N GLN A 20 0.24 11.34 3.63
CA GLN A 20 1.53 10.87 3.16
C GLN A 20 1.65 9.34 3.40
N GLU A 21 1.22 8.93 4.59
CA GLU A 21 1.17 7.52 4.89
C GLU A 21 0.37 6.85 3.80
N ILE A 22 -0.86 7.29 3.61
CA ILE A 22 -1.71 6.72 2.58
C ILE A 22 -0.97 6.71 1.25
N ALA A 23 -0.37 7.85 0.89
CA ALA A 23 0.32 8.01 -0.39
C ALA A 23 1.45 7.02 -0.59
N PHE A 24 2.03 6.55 0.51
CA PHE A 24 3.11 5.56 0.48
C PHE A 24 2.74 4.16 0.89
N GLY A 25 1.45 3.89 1.08
CA GLY A 25 0.96 2.54 1.42
C GLY A 25 1.63 1.36 0.73
N PRO A 26 1.90 1.47 -0.58
CA PRO A 26 2.56 0.39 -1.32
C PRO A 26 3.97 0.11 -0.79
N VAL A 27 4.71 1.16 -0.44
CA VAL A 27 6.09 1.01 -0.07
C VAL A 27 6.12 0.50 1.31
N VAL A 28 5.35 1.15 2.16
CA VAL A 28 5.24 0.80 3.56
C VAL A 28 4.91 -0.67 3.69
N PHE A 29 3.87 -1.11 2.99
CA PHE A 29 3.43 -2.49 3.05
C PHE A 29 4.58 -3.40 2.67
N GLN A 30 5.18 -3.12 1.52
CA GLN A 30 6.24 -3.98 1.03
C GLN A 30 7.40 -4.00 2.01
N VAL A 31 7.80 -2.85 2.53
CA VAL A 31 8.95 -2.85 3.41
C VAL A 31 8.68 -3.57 4.72
N SER A 32 7.44 -3.55 5.19
CA SER A 32 7.16 -4.20 6.44
C SER A 32 7.05 -5.71 6.23
N ARG A 33 6.55 -6.10 5.05
CA ARG A 33 6.43 -7.51 4.70
C ARG A 33 7.81 -8.17 4.86
N LEU A 34 8.83 -7.45 4.39
CA LEU A 34 10.17 -7.99 4.24
C LEU A 34 10.95 -7.88 5.54
N MET A 35 10.74 -6.78 6.24
CA MET A 35 11.25 -6.63 7.58
C MET A 35 10.87 -7.90 8.35
N LEU A 36 9.70 -8.42 8.03
CA LEU A 36 9.16 -9.60 8.68
C LEU A 36 9.74 -10.85 8.05
N LYS A 37 9.51 -11.00 6.74
CA LYS A 37 9.99 -12.15 5.98
C LYS A 37 11.48 -12.42 6.15
N PHE A 38 12.31 -11.38 6.08
CA PHE A 38 13.76 -11.56 6.21
C PHE A 38 14.17 -11.82 7.65
N GLY A 39 13.19 -11.80 8.55
CA GLY A 39 13.41 -12.16 9.94
C GLY A 39 13.99 -11.07 10.82
N ILE A 40 13.78 -9.82 10.47
CA ILE A 40 14.34 -8.73 11.23
C ILE A 40 13.53 -8.37 12.48
N PHE A 41 12.21 -8.38 12.35
CA PHE A 41 11.36 -8.16 13.52
C PHE A 41 11.68 -9.27 14.55
N GLN A 42 11.95 -10.49 14.07
CA GLN A 42 12.19 -11.60 14.99
C GLN A 42 13.53 -11.38 15.65
N LEU A 43 14.53 -11.13 14.83
CA LEU A 43 15.83 -10.83 15.35
C LEU A 43 15.70 -9.78 16.48
N LEU A 44 15.01 -8.67 16.19
CA LEU A 44 14.81 -7.61 17.17
C LEU A 44 14.00 -8.07 18.37
N SER A 45 13.01 -8.92 18.12
CA SER A 45 12.24 -9.53 19.18
C SER A 45 13.08 -10.04 20.36
N GLY A 46 14.11 -10.84 20.05
CA GLY A 46 14.89 -11.55 21.05
C GLY A 46 16.05 -10.80 21.67
N LYS A 47 16.13 -9.51 21.40
CA LYS A 47 17.15 -8.67 22.01
C LYS A 47 16.54 -7.34 22.36
N ARG A 48 16.11 -7.23 23.61
CA ARG A 48 15.55 -5.99 24.10
C ARG A 48 16.50 -4.81 23.80
N GLU A 49 17.79 -5.05 23.99
CA GLU A 49 18.85 -4.05 23.81
C GLU A 49 18.98 -3.65 22.35
N GLY A 50 18.67 -4.57 21.45
CA GLY A 50 18.63 -4.27 20.04
C GLY A 50 19.94 -4.52 19.32
N TYR A 51 19.98 -4.18 18.04
CA TYR A 51 21.11 -4.50 17.19
C TYR A 51 21.53 -3.31 16.32
N THR A 52 22.80 -3.31 15.91
CA THR A 52 23.27 -2.29 14.98
C THR A 52 22.97 -2.71 13.54
N LEU A 53 23.13 -1.76 12.61
CA LEU A 53 22.90 -2.05 11.21
C LEU A 53 23.88 -3.09 10.72
N GLN A 54 25.17 -2.91 10.97
CA GLN A 54 26.15 -3.95 10.60
C GLN A 54 25.78 -5.31 11.22
N GLU A 55 25.20 -5.29 12.42
CA GLU A 55 24.78 -6.53 13.06
C GLU A 55 23.58 -7.19 12.38
N ILE A 56 22.54 -6.41 12.11
CA ILE A 56 21.36 -6.92 11.41
C ILE A 56 21.78 -7.51 10.08
N SER A 57 22.63 -6.74 9.38
CA SER A 57 23.24 -7.15 8.14
C SER A 57 23.89 -8.52 8.26
N GLY A 58 24.87 -8.63 9.15
CA GLY A 58 25.56 -9.89 9.38
C GLY A 58 24.61 -11.05 9.58
N ARG A 59 23.77 -10.95 10.60
CA ARG A 59 22.87 -12.05 10.99
C ARG A 59 21.94 -12.47 9.86
N THR A 60 21.30 -11.51 9.19
CA THR A 60 20.33 -11.83 8.14
C THR A 60 20.97 -12.19 6.80
N GLY A 61 22.27 -11.96 6.68
CA GLY A 61 22.92 -12.09 5.37
C GLY A 61 22.28 -11.23 4.29
N LEU A 62 22.09 -9.94 4.59
CA LEU A 62 21.56 -8.94 3.66
C LEU A 62 22.64 -7.91 3.50
N THR A 63 22.79 -7.38 2.29
CA THR A 63 23.69 -6.27 2.09
C THR A 63 23.50 -5.22 3.18
N ARG A 64 24.52 -4.39 3.44
CA ARG A 64 24.30 -3.25 4.32
C ARG A 64 23.23 -2.32 3.73
N TYR A 65 23.40 -1.96 2.46
CA TYR A 65 22.39 -1.25 1.72
C TYR A 65 20.98 -1.80 1.97
N ALA A 66 20.75 -3.06 1.63
CA ALA A 66 19.42 -3.66 1.76
C ALA A 66 18.88 -3.49 3.18
N ALA A 67 19.73 -3.71 4.17
CA ALA A 67 19.25 -3.63 5.55
C ALA A 67 19.00 -2.17 5.98
N GLN A 68 19.79 -1.25 5.44
CA GLN A 68 19.71 0.14 5.87
C GLN A 68 18.44 0.79 5.34
N VAL A 69 18.11 0.43 4.11
CA VAL A 69 16.96 0.93 3.45
C VAL A 69 15.63 0.43 4.11
N LEU A 70 15.57 -0.84 4.50
CA LEU A 70 14.42 -1.34 5.28
C LEU A 70 14.34 -0.73 6.68
N LEU A 71 15.48 -0.61 7.32
CA LEU A 71 15.52 -0.20 8.72
C LEU A 71 15.20 1.27 8.82
N GLU A 72 15.75 2.06 7.91
CA GLU A 72 15.43 3.48 7.86
C GLU A 72 13.94 3.66 7.62
N ALA A 73 13.40 2.95 6.64
CA ALA A 73 12.00 3.10 6.29
C ALA A 73 11.09 2.66 7.43
N SER A 74 11.53 1.66 8.21
CA SER A 74 10.73 1.20 9.34
C SER A 74 10.84 2.14 10.54
N LEU A 75 11.98 2.77 10.64
CA LEU A 75 12.21 3.65 11.76
C LEU A 75 11.18 4.76 11.64
N THR A 76 10.93 5.25 10.45
CA THR A 76 10.03 6.39 10.34
C THR A 76 8.56 5.97 10.33
N ILE A 77 8.30 4.77 9.83
CA ILE A 77 6.96 4.17 9.86
C ILE A 77 6.58 3.93 11.30
N GLY A 78 7.54 3.39 12.06
CA GLY A 78 7.47 3.32 13.53
C GLY A 78 7.31 1.89 14.02
N THR A 79 7.82 0.93 13.24
CA THR A 79 7.72 -0.48 13.63
C THR A 79 8.98 -0.85 14.37
N ILE A 80 10.00 0.01 14.27
CA ILE A 80 11.17 -0.09 15.14
C ILE A 80 11.58 1.27 15.70
N LEU A 81 12.32 1.27 16.81
CA LEU A 81 12.92 2.50 17.36
C LEU A 81 14.44 2.46 17.28
N LEU A 82 15.06 3.62 17.43
CA LEU A 82 16.51 3.70 17.41
C LEU A 82 17.02 4.12 18.77
N GLU A 83 17.82 3.27 19.39
CA GLU A 83 18.47 3.61 20.66
C GLU A 83 19.98 3.68 20.51
N GLU A 84 20.53 4.87 20.78
CA GLU A 84 21.94 5.14 20.49
C GLU A 84 22.16 4.78 19.02
N ASP A 85 22.76 3.61 18.77
CA ASP A 85 22.90 3.16 17.40
C ASP A 85 22.33 1.76 17.15
N ARG A 86 21.46 1.31 18.06
CA ARG A 86 20.79 0.03 17.87
C ARG A 86 19.32 0.23 17.54
N TYR A 87 18.81 -0.56 16.62
CA TYR A 87 17.37 -0.59 16.37
C TYR A 87 16.71 -1.60 17.31
N VAL A 88 15.57 -1.20 17.88
CA VAL A 88 14.83 -2.08 18.75
C VAL A 88 13.45 -2.19 18.19
N LEU A 89 12.80 -3.32 18.45
CA LEU A 89 11.41 -3.56 18.09
C LEU A 89 10.55 -2.51 18.78
N ALA A 90 9.66 -1.89 18.01
CA ALA A 90 8.61 -1.06 18.61
C ALA A 90 7.33 -1.89 18.70
N LYS A 91 6.31 -1.33 19.34
CA LYS A 91 5.11 -2.09 19.57
C LYS A 91 4.43 -2.54 18.28
N ALA A 92 4.39 -1.65 17.28
CA ALA A 92 3.74 -1.95 16.00
C ALA A 92 4.43 -3.09 15.27
N GLY A 93 5.75 -3.16 15.38
CA GLY A 93 6.50 -4.28 14.82
C GLY A 93 6.13 -5.54 15.57
N TRP A 94 6.06 -5.45 16.88
CA TRP A 94 5.65 -6.62 17.65
C TRP A 94 4.30 -7.21 17.17
N PHE A 95 3.28 -6.39 16.97
CA PHE A 95 2.02 -6.85 16.37
C PHE A 95 2.11 -7.43 14.97
N LEU A 96 2.81 -6.76 14.05
CA LEU A 96 3.09 -7.41 12.77
C LEU A 96 3.72 -8.80 12.98
N LEU A 97 4.67 -8.91 13.89
CA LEU A 97 5.29 -10.18 14.18
C LEU A 97 4.33 -11.22 14.77
N ASN A 98 3.46 -10.77 15.68
CA ASN A 98 2.70 -11.64 16.58
C ASN A 98 1.20 -11.73 16.39
N ASP A 99 0.59 -10.68 15.83
CA ASP A 99 -0.85 -10.68 15.63
C ASP A 99 -1.30 -11.49 14.38
N LYS A 100 -2.05 -12.55 14.65
CA LYS A 100 -2.43 -13.50 13.61
C LYS A 100 -3.31 -12.84 12.56
N MET A 101 -4.15 -11.89 12.96
CA MET A 101 -4.94 -11.13 12.01
C MET A 101 -4.04 -10.35 11.03
N ALA A 102 -3.02 -9.70 11.55
CA ALA A 102 -2.15 -8.88 10.69
C ALA A 102 -1.35 -9.74 9.72
N ARG A 103 -0.84 -10.87 10.20
CA ARG A 103 -0.03 -11.75 9.39
C ARG A 103 -0.88 -12.30 8.26
N VAL A 104 -2.08 -12.74 8.61
CA VAL A 104 -3.06 -13.24 7.63
C VAL A 104 -3.35 -12.22 6.55
N ASN A 105 -3.72 -11.01 6.98
CA ASN A 105 -4.10 -9.94 6.08
C ASN A 105 -2.98 -9.50 5.19
N MET A 106 -1.78 -9.43 5.76
CA MET A 106 -0.63 -9.02 5.01
C MET A 106 -0.29 -10.06 3.98
N GLU A 107 -0.18 -11.31 4.40
CA GLU A 107 0.11 -12.38 3.43
C GLU A 107 -0.93 -12.40 2.33
N PHE A 108 -2.20 -12.38 2.72
CA PHE A 108 -3.30 -12.25 1.79
C PHE A 108 -3.03 -11.10 0.79
N ASN A 109 -2.86 -9.87 1.30
CA ASN A 109 -2.68 -8.71 0.42
C ASN A 109 -1.47 -8.79 -0.51
N HIS A 110 -0.43 -9.54 -0.13
CA HIS A 110 0.70 -9.70 -1.04
C HIS A 110 0.38 -10.72 -2.15
N ASP A 111 0.14 -11.96 -1.74
CA ASP A 111 -0.01 -13.05 -2.67
C ASP A 111 -1.28 -13.03 -3.51
N VAL A 112 -2.41 -12.74 -2.88
CA VAL A 112 -3.69 -12.73 -3.57
C VAL A 112 -4.00 -11.38 -4.21
N ASN A 113 -3.79 -10.29 -3.47
CA ASN A 113 -4.32 -8.99 -3.90
C ASN A 113 -3.36 -7.99 -4.54
N TYR A 114 -2.11 -7.95 -4.10
CA TYR A 114 -1.25 -6.82 -4.45
C TYR A 114 -1.41 -6.41 -5.91
N GLN A 115 -0.93 -7.28 -6.80
CA GLN A 115 -0.91 -7.01 -8.24
C GLN A 115 -2.26 -6.65 -8.83
N GLY A 116 -3.28 -7.41 -8.51
CA GLY A 116 -4.58 -7.13 -9.07
C GLY A 116 -5.14 -5.80 -8.60
N LEU A 117 -4.64 -5.27 -7.50
CA LEU A 117 -5.22 -4.06 -6.93
C LEU A 117 -4.92 -2.89 -7.83
N PHE A 118 -3.86 -3.04 -8.64
CA PHE A 118 -3.51 -2.00 -9.59
C PHE A 118 -4.70 -1.72 -10.50
N HIS A 119 -5.45 -2.79 -10.80
CA HIS A 119 -6.56 -2.75 -11.71
C HIS A 119 -7.93 -2.58 -11.03
N LEU A 120 -7.92 -2.11 -9.79
CA LEU A 120 -9.16 -1.85 -9.05
C LEU A 120 -10.03 -0.80 -9.75
N GLU A 121 -9.39 0.22 -10.29
CA GLU A 121 -10.09 1.25 -11.04
C GLU A 121 -11.10 0.69 -12.03
N GLU A 122 -10.63 -0.13 -12.97
CA GLU A 122 -11.49 -0.65 -14.01
C GLU A 122 -12.43 -1.68 -13.43
N ALA A 123 -12.02 -2.27 -12.31
CA ALA A 123 -12.90 -3.20 -11.61
C ALA A 123 -14.16 -2.50 -11.08
N LEU A 124 -13.96 -1.31 -10.51
CA LEU A 124 -15.06 -0.50 -10.03
C LEU A 124 -15.89 -0.08 -11.22
N LEU A 125 -15.22 0.41 -12.25
CA LEU A 125 -15.86 0.92 -13.46
C LEU A 125 -16.67 -0.15 -14.20
N ASN A 126 -16.09 -1.34 -14.34
CA ASN A 126 -16.65 -2.37 -15.23
C ASN A 126 -17.63 -3.35 -14.58
N GLY A 127 -17.47 -3.59 -13.30
CA GLY A 127 -18.38 -4.46 -12.57
C GLY A 127 -17.94 -5.90 -12.61
N ARG A 128 -16.65 -6.12 -12.86
CA ARG A 128 -16.07 -7.46 -12.73
C ARG A 128 -14.67 -7.42 -12.08
N PRO A 129 -14.12 -8.60 -11.72
CA PRO A 129 -12.86 -8.61 -10.99
C PRO A 129 -11.69 -8.46 -11.94
N GLU A 130 -11.34 -7.23 -12.26
CA GLU A 130 -10.33 -6.97 -13.27
C GLU A 130 -8.95 -7.38 -12.82
N GLY A 131 -8.74 -7.37 -11.52
CA GLY A 131 -7.45 -7.79 -10.98
C GLY A 131 -7.19 -9.26 -11.23
N LEU A 132 -8.23 -10.07 -11.33
CA LEU A 132 -8.02 -11.51 -11.43
C LEU A 132 -7.27 -11.82 -12.72
N LYS A 133 -7.27 -10.88 -13.65
CA LYS A 133 -6.72 -11.15 -14.97
C LYS A 133 -5.21 -11.29 -14.91
N VAL A 134 -4.61 -10.90 -13.80
CA VAL A 134 -3.18 -11.04 -13.69
C VAL A 134 -2.83 -12.46 -13.31
N PHE A 135 -3.86 -13.28 -13.08
CA PHE A 135 -3.66 -14.70 -12.92
C PHE A 135 -4.25 -15.40 -14.12
N GLY A 136 -5.55 -15.22 -14.33
CA GLY A 136 -6.17 -15.78 -15.51
C GLY A 136 -7.45 -15.08 -15.85
N GLU A 137 -8.31 -15.80 -16.57
CA GLU A 137 -9.47 -15.19 -17.20
C GLU A 137 -10.79 -15.84 -16.80
N TRP A 138 -10.84 -16.38 -15.59
CA TRP A 138 -12.10 -16.90 -15.03
C TRP A 138 -13.04 -15.77 -14.62
N PRO A 139 -14.34 -16.05 -14.61
CA PRO A 139 -15.40 -15.11 -14.19
C PRO A 139 -15.27 -14.71 -12.70
N THR A 140 -14.67 -15.58 -11.91
CA THR A 140 -14.53 -15.35 -10.49
C THR A 140 -13.34 -16.12 -9.99
N ILE A 141 -12.85 -15.75 -8.82
CA ILE A 141 -11.67 -16.36 -8.22
C ILE A 141 -12.08 -17.74 -7.73
N TYR A 142 -13.38 -17.87 -7.48
CA TYR A 142 -13.94 -19.13 -7.03
C TYR A 142 -13.68 -20.18 -8.08
N GLU A 143 -13.95 -19.85 -9.32
CA GLU A 143 -13.79 -20.83 -10.39
C GLU A 143 -12.32 -21.02 -10.74
N GLY A 144 -11.49 -20.02 -10.51
CA GLY A 144 -10.11 -20.13 -10.95
C GLY A 144 -9.20 -20.67 -9.88
N LEU A 145 -9.80 -20.91 -8.72
CA LEU A 145 -9.04 -21.14 -7.50
C LEU A 145 -8.06 -22.30 -7.64
N SER A 146 -8.57 -23.45 -8.03
CA SER A 146 -7.74 -24.64 -8.15
C SER A 146 -6.56 -24.44 -9.10
N GLN A 147 -6.40 -23.22 -9.59
CA GLN A 147 -5.41 -22.97 -10.64
C GLN A 147 -4.43 -21.86 -10.31
N LEU A 148 -4.66 -21.20 -9.19
CA LEU A 148 -3.72 -20.19 -8.75
C LEU A 148 -2.48 -20.90 -8.23
N PRO A 149 -1.33 -20.20 -8.22
CA PRO A 149 -0.08 -20.73 -7.68
C PRO A 149 -0.17 -21.25 -6.23
N GLU A 150 0.81 -22.07 -5.85
CA GLU A 150 0.87 -22.63 -4.51
C GLU A 150 0.62 -21.53 -3.50
N GLN A 151 1.55 -20.57 -3.50
CA GLN A 151 1.59 -19.55 -2.48
C GLN A 151 0.29 -18.76 -2.45
N VAL A 152 -0.22 -18.40 -3.63
CA VAL A 152 -1.49 -17.70 -3.73
C VAL A 152 -2.63 -18.49 -3.08
N GLN A 153 -2.65 -19.80 -3.32
CA GLN A 153 -3.66 -20.68 -2.72
C GLN A 153 -3.53 -20.74 -1.20
N LYS A 154 -2.31 -21.03 -0.75
CA LYS A 154 -1.92 -20.91 0.65
C LYS A 154 -2.46 -19.65 1.34
N SER A 155 -2.16 -18.46 0.81
CA SER A 155 -2.61 -17.25 1.49
C SER A 155 -4.10 -17.07 1.41
N TRP A 156 -4.70 -17.40 0.27
CA TRP A 156 -6.16 -17.30 0.15
C TRP A 156 -6.85 -18.18 1.19
N PHE A 157 -6.42 -19.45 1.31
CA PHE A 157 -7.00 -20.38 2.28
C PHE A 157 -6.85 -19.92 3.72
N GLY A 158 -5.69 -19.36 4.04
CA GLY A 158 -5.49 -18.72 5.34
C GLY A 158 -6.51 -17.62 5.55
N PHE A 159 -6.68 -16.75 4.55
CA PHE A 159 -7.67 -15.70 4.70
C PHE A 159 -9.06 -16.32 4.90
N ASP A 160 -9.39 -17.27 4.05
CA ASP A 160 -10.71 -17.85 4.06
C ASP A 160 -11.05 -18.49 5.41
N HIS A 161 -10.06 -19.10 6.02
CA HIS A 161 -10.18 -19.75 7.31
C HIS A 161 -10.24 -18.75 8.47
N PHE A 162 -9.31 -17.80 8.47
CA PHE A 162 -9.20 -16.87 9.57
C PHE A 162 -10.52 -16.12 9.79
N TYR A 163 -11.25 -15.87 8.71
CA TYR A 163 -12.47 -15.07 8.78
C TYR A 163 -13.72 -15.92 8.76
N SER A 164 -13.57 -17.22 8.79
CA SER A 164 -14.71 -18.09 8.63
C SER A 164 -14.72 -18.91 9.86
N ASP A 165 -13.66 -19.68 10.01
CA ASP A 165 -13.50 -20.56 11.17
C ASP A 165 -14.13 -19.97 12.43
N GLN A 166 -13.78 -20.55 13.57
CA GLN A 166 -14.32 -20.12 14.83
C GLN A 166 -14.49 -21.26 15.83
N SER A 167 -15.72 -21.48 16.30
CA SER A 167 -15.89 -22.41 17.40
C SER A 167 -17.11 -23.35 17.55
N PHE A 168 -18.13 -23.03 18.33
CA PHE A 168 -19.26 -22.34 17.77
C PHE A 168 -20.36 -22.30 18.85
N GLY A 169 -19.95 -22.09 20.10
CA GLY A 169 -20.87 -22.18 21.21
C GLY A 169 -22.09 -21.30 21.05
N LYS A 170 -21.90 -20.01 21.26
CA LYS A 170 -23.01 -19.11 21.09
C LYS A 170 -23.91 -19.69 20.01
N ALA A 171 -23.42 -19.66 18.77
CA ALA A 171 -24.18 -20.14 17.59
C ALA A 171 -24.88 -21.49 17.80
N LEU A 172 -24.11 -22.47 18.27
CA LEU A 172 -24.65 -23.81 18.50
C LEU A 172 -25.88 -23.77 19.42
N GLU A 173 -25.71 -23.22 20.61
CA GLU A 173 -26.76 -23.22 21.62
C GLU A 173 -28.01 -22.46 21.17
N ILE A 174 -27.84 -21.53 20.23
CA ILE A 174 -28.97 -20.78 19.66
C ILE A 174 -29.81 -21.62 18.70
N VAL A 175 -29.14 -22.20 17.70
CA VAL A 175 -29.78 -22.93 16.61
C VAL A 175 -30.51 -24.16 17.13
N PHE A 176 -29.96 -24.73 18.21
CA PHE A 176 -30.49 -25.96 18.75
C PHE A 176 -31.50 -25.73 19.86
N SER A 177 -31.62 -24.46 20.24
CA SER A 177 -32.69 -24.02 21.12
C SER A 177 -34.03 -24.36 20.48
N HIS A 178 -34.04 -24.52 19.15
CA HIS A 178 -35.26 -24.92 18.47
C HIS A 178 -35.27 -26.40 18.13
N HIS A 179 -34.42 -27.17 18.81
CA HIS A 179 -34.33 -28.61 18.58
C HIS A 179 -34.68 -29.00 17.13
N PRO A 180 -33.76 -28.79 16.17
CA PRO A 180 -34.07 -29.07 14.78
C PRO A 180 -33.71 -30.50 14.35
N LYS A 181 -34.35 -30.95 13.27
CA LYS A 181 -34.23 -32.34 12.82
C LYS A 181 -33.15 -32.42 11.74
N ARG A 182 -33.26 -31.51 10.78
CA ARG A 182 -32.42 -31.52 9.60
C ARG A 182 -31.98 -30.11 9.24
N LEU A 183 -30.72 -29.82 9.53
CA LEU A 183 -30.12 -28.55 9.18
C LEU A 183 -29.55 -28.67 7.76
N LEU A 184 -29.86 -27.70 6.91
CA LEU A 184 -29.29 -27.65 5.57
C LEU A 184 -28.29 -26.53 5.56
N ASP A 185 -27.02 -26.90 5.45
CA ASP A 185 -25.96 -25.91 5.48
C ASP A 185 -25.47 -25.60 4.07
N ILE A 186 -25.84 -24.44 3.59
CA ILE A 186 -25.55 -24.02 2.24
C ILE A 186 -24.18 -23.36 2.15
N GLY A 187 -23.19 -24.08 1.63
CA GLY A 187 -21.88 -23.49 1.37
C GLY A 187 -20.76 -23.75 2.38
N GLY A 188 -21.04 -24.53 3.42
CA GLY A 188 -20.02 -24.86 4.42
C GLY A 188 -19.15 -26.00 3.95
N ASN A 189 -18.30 -25.70 2.96
CA ASN A 189 -17.54 -26.74 2.23
C ASN A 189 -16.39 -27.39 3.01
N THR A 190 -16.27 -27.03 4.28
CA THR A 190 -15.27 -27.63 5.16
C THR A 190 -15.92 -28.64 6.12
N GLY A 191 -17.18 -28.43 6.44
CA GLY A 191 -17.87 -29.35 7.34
C GLY A 191 -17.68 -29.04 8.82
N LYS A 192 -16.83 -28.08 9.13
CA LYS A 192 -16.60 -27.70 10.52
C LYS A 192 -17.90 -27.39 11.25
N TRP A 193 -18.78 -26.62 10.61
CA TRP A 193 -20.04 -26.33 11.27
C TRP A 193 -20.85 -27.61 11.48
N ALA A 194 -21.05 -28.37 10.42
CA ALA A 194 -21.85 -29.60 10.50
C ALA A 194 -21.21 -30.58 11.48
N THR A 195 -19.89 -30.54 11.58
CA THR A 195 -19.19 -31.39 12.52
C THR A 195 -19.69 -31.04 13.91
N GLN A 196 -19.67 -29.74 14.23
CA GLN A 196 -20.15 -29.18 15.50
C GLN A 196 -21.57 -29.54 15.83
N CYS A 197 -22.44 -29.42 14.84
CA CYS A 197 -23.84 -29.81 15.04
C CYS A 197 -23.93 -31.26 15.46
N VAL A 198 -23.51 -32.11 14.52
CA VAL A 198 -23.43 -33.55 14.70
C VAL A 198 -22.96 -33.96 16.09
N GLN A 199 -21.80 -33.43 16.50
CA GLN A 199 -21.20 -33.72 17.79
C GLN A 199 -21.90 -33.03 18.96
N TYR A 200 -22.79 -32.08 18.65
CA TYR A 200 -23.55 -31.42 19.69
C TYR A 200 -24.86 -32.13 19.93
N ASN A 201 -25.73 -32.19 18.93
CA ASN A 201 -26.96 -33.00 19.05
C ASN A 201 -26.84 -34.34 18.31
N LYS A 202 -27.24 -35.41 18.98
CA LYS A 202 -26.95 -36.78 18.50
C LYS A 202 -27.91 -37.36 17.46
N GLU A 203 -28.88 -36.59 16.97
CA GLU A 203 -29.72 -37.10 15.89
C GLU A 203 -30.16 -36.04 14.87
N VAL A 204 -29.49 -34.89 14.86
CA VAL A 204 -29.69 -33.93 13.80
C VAL A 204 -28.97 -34.54 12.62
N GLU A 205 -29.52 -34.36 11.42
CA GLU A 205 -28.78 -34.69 10.21
C GLU A 205 -28.54 -33.49 9.32
N VAL A 206 -27.28 -33.25 9.02
CA VAL A 206 -26.85 -32.03 8.35
C VAL A 206 -26.55 -32.29 6.88
N THR A 207 -27.12 -31.46 6.02
CA THR A 207 -26.90 -31.56 4.58
C THR A 207 -26.22 -30.30 4.12
N ILE A 208 -25.01 -30.45 3.59
CA ILE A 208 -24.25 -29.34 3.05
C ILE A 208 -24.47 -29.28 1.55
N VAL A 209 -24.75 -28.08 1.06
CA VAL A 209 -24.95 -27.85 -0.36
C VAL A 209 -23.75 -27.10 -0.91
N ASP A 210 -23.30 -27.46 -2.11
CA ASP A 210 -22.11 -26.83 -2.68
C ASP A 210 -21.72 -27.55 -3.96
N LEU A 211 -20.77 -27.02 -4.72
CA LEU A 211 -20.38 -27.70 -5.94
C LEU A 211 -19.69 -29.00 -5.62
N PRO A 212 -19.95 -30.04 -6.45
CA PRO A 212 -19.47 -31.41 -6.23
C PRO A 212 -17.97 -31.44 -5.96
N GLN A 213 -17.19 -30.73 -6.76
CA GLN A 213 -15.76 -30.58 -6.52
C GLN A 213 -15.49 -30.28 -5.04
N GLN A 214 -16.36 -29.46 -4.46
CA GLN A 214 -16.15 -28.87 -3.16
C GLN A 214 -16.58 -29.84 -2.06
N LEU A 215 -17.50 -30.74 -2.41
CA LEU A 215 -17.97 -31.75 -1.48
C LEU A 215 -17.08 -32.98 -1.44
N GLU A 216 -16.22 -33.15 -2.45
CA GLU A 216 -15.18 -34.19 -2.35
C GLU A 216 -14.17 -33.81 -1.27
N MET A 217 -13.84 -32.52 -1.16
CA MET A 217 -12.98 -32.06 -0.07
C MET A 217 -13.64 -32.20 1.31
N MET A 218 -14.91 -31.80 1.42
CA MET A 218 -15.62 -31.93 2.68
C MET A 218 -15.57 -33.37 3.16
N ARG A 219 -15.73 -34.34 2.27
CA ARG A 219 -15.65 -35.71 2.73
C ARG A 219 -14.23 -36.07 3.14
N LYS A 220 -13.24 -35.69 2.34
CA LYS A 220 -11.83 -35.79 2.72
C LYS A 220 -11.64 -35.25 4.13
N GLN A 221 -11.86 -33.95 4.25
CA GLN A 221 -11.62 -33.16 5.45
C GLN A 221 -12.38 -33.65 6.67
N THR A 222 -13.50 -34.31 6.42
CA THR A 222 -14.45 -34.67 7.47
C THR A 222 -14.31 -36.18 7.77
N ALA A 223 -13.35 -36.80 7.09
CA ALA A 223 -13.12 -38.25 7.15
C ALA A 223 -12.94 -38.79 8.56
N GLY A 224 -13.76 -39.79 8.91
CA GLY A 224 -13.71 -40.39 10.22
C GLY A 224 -13.67 -39.39 11.38
N LEU A 225 -14.47 -38.32 11.30
CA LEU A 225 -14.73 -37.49 12.47
C LEU A 225 -15.93 -38.08 13.22
N SER A 226 -16.20 -37.58 14.42
CA SER A 226 -17.00 -38.33 15.39
C SER A 226 -18.52 -38.47 15.18
N GLY A 227 -19.09 -37.84 14.15
CA GLY A 227 -20.53 -37.99 13.94
C GLY A 227 -20.88 -37.94 12.47
N SER A 228 -19.88 -38.17 11.63
CA SER A 228 -19.97 -37.87 10.22
C SER A 228 -20.92 -38.75 9.41
N GLU A 229 -21.46 -39.82 10.02
CA GLU A 229 -22.40 -40.65 9.29
C GLU A 229 -23.69 -39.87 9.07
N ARG A 230 -23.84 -38.77 9.81
CA ARG A 230 -25.01 -37.89 9.72
C ARG A 230 -24.74 -36.58 8.95
N ILE A 231 -23.63 -36.53 8.25
CA ILE A 231 -23.35 -35.37 7.42
C ILE A 231 -23.44 -35.71 5.93
N HIS A 232 -24.30 -35.00 5.21
CA HIS A 232 -24.61 -35.33 3.84
C HIS A 232 -24.34 -34.19 2.89
N GLY A 233 -23.87 -34.52 1.70
CA GLY A 233 -23.64 -33.52 0.68
C GLY A 233 -24.75 -33.55 -0.34
N HIS A 234 -24.98 -32.42 -0.99
CA HIS A 234 -25.94 -32.35 -2.06
C HIS A 234 -25.39 -31.39 -3.09
N GLY A 235 -24.85 -31.92 -4.17
CA GLY A 235 -24.29 -31.09 -5.22
C GLY A 235 -25.32 -30.12 -5.73
N ALA A 236 -24.87 -28.92 -6.10
CA ALA A 236 -25.76 -27.90 -6.62
C ALA A 236 -24.92 -26.88 -7.34
N ASN A 237 -25.56 -26.03 -8.13
CA ASN A 237 -24.81 -24.95 -8.74
C ASN A 237 -25.22 -23.56 -8.26
N LEU A 238 -26.25 -23.48 -7.43
CA LEU A 238 -26.64 -22.18 -6.93
C LEU A 238 -26.76 -21.23 -8.13
N LEU A 239 -27.51 -21.68 -9.14
CA LEU A 239 -27.85 -20.86 -10.31
C LEU A 239 -29.35 -20.88 -10.59
N ASP A 240 -29.90 -19.67 -10.76
CA ASP A 240 -31.33 -19.41 -10.66
C ASP A 240 -32.23 -20.58 -10.99
N ARG A 241 -31.93 -21.31 -12.06
CA ARG A 241 -32.76 -22.43 -12.45
C ARG A 241 -33.04 -23.40 -11.30
N ASP A 242 -33.59 -24.57 -11.62
CA ASP A 242 -33.95 -25.55 -10.59
C ASP A 242 -33.18 -25.28 -9.30
N VAL A 243 -31.85 -25.15 -9.41
CA VAL A 243 -31.05 -24.94 -8.20
C VAL A 243 -32.01 -24.82 -7.01
N PRO A 244 -33.25 -25.31 -7.18
CA PRO A 244 -34.16 -25.27 -6.05
C PRO A 244 -33.42 -25.94 -4.93
N PHE A 245 -33.79 -25.66 -3.69
CA PHE A 245 -33.03 -26.22 -2.59
C PHE A 245 -33.74 -27.44 -2.05
N PRO A 246 -32.96 -28.43 -1.61
CA PRO A 246 -33.59 -29.57 -0.97
C PRO A 246 -34.73 -29.03 -0.10
N THR A 247 -35.51 -29.92 0.50
CA THR A 247 -36.64 -29.50 1.32
C THR A 247 -36.83 -30.34 2.59
N GLY A 248 -37.65 -29.83 3.51
CA GLY A 248 -37.96 -30.55 4.75
C GLY A 248 -36.89 -30.33 5.81
N PHE A 249 -36.39 -29.10 5.88
CA PHE A 249 -35.32 -28.76 6.82
C PHE A 249 -35.83 -27.79 7.88
N ASP A 250 -35.51 -28.09 9.13
CA ASP A 250 -35.97 -27.25 10.23
C ASP A 250 -35.06 -26.05 10.45
N ALA A 251 -33.85 -26.15 9.91
CA ALA A 251 -32.83 -25.09 9.94
C ALA A 251 -32.17 -24.94 8.58
N VAL A 252 -31.79 -23.71 8.25
CA VAL A 252 -31.02 -23.44 7.06
C VAL A 252 -29.94 -22.48 7.50
N TRP A 253 -28.73 -22.70 7.02
CA TRP A 253 -27.60 -22.02 7.59
C TRP A 253 -26.67 -21.56 6.47
N MET A 254 -26.06 -20.39 6.67
CA MET A 254 -25.24 -19.73 5.65
C MET A 254 -24.21 -18.91 6.40
N SER A 255 -22.96 -19.31 6.35
CA SER A 255 -21.93 -18.62 7.13
C SER A 255 -20.78 -18.16 6.23
N GLN A 256 -20.37 -16.90 6.39
CA GLN A 256 -19.35 -16.26 5.53
C GLN A 256 -19.56 -16.62 4.08
N PHE A 257 -20.79 -17.02 3.80
CA PHE A 257 -21.24 -17.40 2.47
C PHE A 257 -21.97 -16.17 2.00
N LEU A 258 -21.82 -15.78 0.75
CA LEU A 258 -22.82 -14.83 0.34
C LEU A 258 -22.49 -13.39 0.69
N ASP A 259 -21.39 -13.17 1.40
CA ASP A 259 -20.72 -11.90 1.23
C ASP A 259 -19.95 -12.00 -0.09
N CYS A 260 -19.94 -13.19 -0.69
CA CYS A 260 -19.31 -13.30 -2.00
C CYS A 260 -20.28 -13.30 -3.18
N PHE A 261 -21.42 -12.64 -3.01
CA PHE A 261 -22.42 -12.49 -4.07
C PHE A 261 -22.96 -11.07 -4.07
N SER A 262 -23.44 -10.65 -5.24
CA SER A 262 -24.22 -9.42 -5.42
C SER A 262 -25.33 -9.32 -4.41
N GLU A 263 -25.96 -8.15 -4.33
CA GLU A 263 -27.21 -8.11 -3.63
C GLU A 263 -28.23 -8.87 -4.48
N GLU A 264 -28.14 -8.68 -5.79
CA GLU A 264 -29.10 -9.31 -6.68
C GLU A 264 -28.97 -10.82 -6.56
N GLU A 265 -27.74 -11.29 -6.52
CA GLU A 265 -27.53 -12.74 -6.40
C GLU A 265 -28.01 -13.20 -5.05
N VAL A 266 -27.81 -12.36 -4.02
CA VAL A 266 -28.14 -12.72 -2.64
C VAL A 266 -29.64 -12.87 -2.41
N ILE A 267 -30.41 -12.03 -3.07
CA ILE A 267 -31.86 -12.07 -2.97
C ILE A 267 -32.39 -13.27 -3.73
N SER A 268 -31.73 -13.61 -4.84
CA SER A 268 -32.11 -14.79 -5.59
C SER A 268 -31.89 -16.05 -4.76
N ILE A 269 -30.70 -16.19 -4.19
CA ILE A 269 -30.39 -17.34 -3.34
C ILE A 269 -31.36 -17.44 -2.18
N LEU A 270 -31.71 -16.31 -1.59
CA LEU A 270 -32.63 -16.31 -0.46
C LEU A 270 -34.07 -16.65 -0.83
N THR A 271 -34.60 -15.96 -1.85
CA THR A 271 -35.95 -16.28 -2.32
C THR A 271 -36.06 -17.78 -2.58
N ARG A 272 -35.00 -18.38 -3.13
CA ARG A 272 -35.02 -19.80 -3.42
C ARG A 272 -34.90 -20.58 -2.14
N VAL A 273 -34.39 -19.93 -1.10
CA VAL A 273 -34.33 -20.52 0.22
C VAL A 273 -35.72 -20.47 0.81
N ALA A 274 -36.38 -19.34 0.56
CA ALA A 274 -37.70 -19.03 1.06
C ALA A 274 -38.76 -19.91 0.43
N GLN A 275 -38.32 -20.95 -0.27
CA GLN A 275 -39.24 -21.90 -0.86
C GLN A 275 -38.98 -23.29 -0.30
N SER A 276 -37.73 -23.57 0.03
CA SER A 276 -37.39 -24.79 0.73
C SER A 276 -38.32 -24.95 1.93
N ILE A 277 -38.70 -23.84 2.54
CA ILE A 277 -39.06 -23.84 3.95
C ILE A 277 -40.54 -23.74 4.29
N GLY A 278 -40.89 -24.24 5.48
CA GLY A 278 -42.23 -24.04 6.04
C GLY A 278 -42.20 -22.89 7.03
N LYS A 279 -43.38 -22.40 7.40
CA LYS A 279 -43.47 -21.30 8.36
C LYS A 279 -42.96 -21.72 9.74
N ASP A 280 -42.36 -22.90 9.81
CA ASP A 280 -41.89 -23.49 11.06
C ASP A 280 -40.38 -23.37 11.16
N SER A 281 -39.72 -23.35 10.01
CA SER A 281 -38.28 -23.44 9.93
C SER A 281 -37.63 -22.08 10.06
N LYS A 282 -36.49 -22.05 10.75
CA LYS A 282 -35.66 -20.84 10.90
C LYS A 282 -34.49 -20.77 9.91
N VAL A 283 -34.13 -19.57 9.48
CA VAL A 283 -33.03 -19.38 8.56
C VAL A 283 -31.95 -18.51 9.20
N TYR A 284 -30.74 -19.06 9.33
CA TYR A 284 -29.68 -18.37 10.04
C TYR A 284 -28.61 -17.87 9.09
N ILE A 285 -28.30 -16.59 9.20
CA ILE A 285 -27.30 -16.00 8.34
C ILE A 285 -26.22 -15.42 9.18
N MET A 286 -25.04 -16.03 9.14
CA MET A 286 -23.95 -15.60 9.97
C MET A 286 -22.93 -14.94 9.06
N GLU A 287 -22.48 -13.77 9.48
CA GLU A 287 -21.69 -12.90 8.61
C GLU A 287 -20.80 -11.95 9.44
N THR A 288 -19.66 -11.53 8.87
CA THR A 288 -18.88 -10.49 9.51
C THR A 288 -19.34 -9.10 9.05
N LEU A 289 -20.07 -8.39 9.90
CA LEU A 289 -20.63 -7.11 9.49
C LEU A 289 -19.73 -6.00 9.99
N TRP A 290 -19.24 -5.17 9.08
CA TRP A 290 -18.23 -4.17 9.40
C TRP A 290 -18.76 -3.12 10.35
N ASP A 291 -20.08 -2.93 10.34
CA ASP A 291 -20.70 -1.88 11.10
C ASP A 291 -21.07 -2.33 12.51
N ARG A 292 -20.91 -3.61 12.79
CA ARG A 292 -21.33 -4.18 14.07
C ARG A 292 -20.20 -4.89 14.79
N GLN A 293 -19.07 -4.22 14.92
CA GLN A 293 -17.90 -4.88 15.46
C GLN A 293 -17.67 -4.48 16.90
N ARG A 294 -17.11 -5.39 17.69
CA ARG A 294 -16.65 -5.01 19.02
C ARG A 294 -15.58 -3.91 18.88
N TYR A 295 -14.53 -4.21 18.10
CA TYR A 295 -13.33 -3.37 17.99
C TYR A 295 -13.30 -2.60 16.70
N GLU A 296 -12.98 -1.34 16.78
CA GLU A 296 -12.91 -0.51 15.61
C GLU A 296 -11.95 -1.12 14.58
N THR A 297 -10.81 -1.66 15.03
CA THR A 297 -9.84 -2.18 14.07
C THR A 297 -10.51 -3.22 13.19
N ALA A 298 -11.35 -4.06 13.82
CA ALA A 298 -12.16 -5.04 13.08
C ALA A 298 -13.00 -4.38 11.97
N SER A 299 -13.65 -3.24 12.28
CA SER A 299 -14.43 -2.50 11.29
C SER A 299 -13.52 -2.02 10.19
N TYR A 300 -12.38 -1.49 10.57
CA TYR A 300 -11.47 -0.99 9.58
C TYR A 300 -11.12 -2.12 8.60
N CYS A 301 -10.68 -3.25 9.14
CA CYS A 301 -10.27 -4.38 8.29
C CYS A 301 -11.34 -4.83 7.33
N LEU A 302 -12.52 -5.13 7.87
CA LEU A 302 -13.57 -5.66 7.05
C LEU A 302 -13.86 -4.76 5.86
N THR A 303 -13.81 -3.44 6.04
CA THR A 303 -14.10 -2.55 4.92
C THR A 303 -12.94 -2.46 3.92
N GLN A 304 -11.73 -2.66 4.38
CA GLN A 304 -10.63 -2.74 3.44
C GLN A 304 -10.66 -4.07 2.65
N ILE A 305 -11.05 -5.15 3.33
CA ILE A 305 -11.23 -6.46 2.72
C ILE A 305 -12.21 -6.41 1.56
N SER A 306 -13.32 -5.71 1.78
CA SER A 306 -14.37 -5.63 0.77
C SER A 306 -13.77 -5.40 -0.60
N LEU A 307 -12.58 -4.84 -0.66
CA LEU A 307 -12.07 -4.51 -1.98
C LEU A 307 -11.49 -5.69 -2.74
N TYR A 308 -11.12 -6.76 -2.03
CA TYR A 308 -10.58 -7.94 -2.70
C TYR A 308 -11.68 -8.59 -3.55
N PHE A 309 -12.92 -8.49 -3.07
CA PHE A 309 -14.07 -9.02 -3.78
C PHE A 309 -14.28 -8.21 -5.03
N THR A 310 -13.96 -6.92 -4.93
CA THR A 310 -14.14 -5.99 -6.05
C THR A 310 -13.10 -6.25 -7.12
N ALA A 311 -11.84 -6.38 -6.72
CA ALA A 311 -10.77 -6.56 -7.69
C ALA A 311 -10.63 -7.99 -8.21
N MET A 312 -10.85 -8.98 -7.32
CA MET A 312 -10.65 -10.43 -7.61
C MET A 312 -11.89 -11.24 -7.22
N ALA A 313 -12.71 -11.68 -8.18
CA ALA A 313 -13.97 -12.30 -7.78
C ALA A 313 -15.24 -11.43 -7.85
N ASN A 314 -15.18 -10.19 -8.35
CA ASN A 314 -16.33 -9.25 -8.16
C ASN A 314 -17.68 -9.81 -8.60
N GLY A 315 -18.33 -9.08 -9.51
CA GLY A 315 -19.75 -9.33 -9.84
C GLY A 315 -20.53 -9.50 -8.55
N ASN A 316 -20.33 -8.60 -7.62
CA ASN A 316 -20.67 -8.84 -6.23
C ASN A 316 -20.13 -7.58 -5.71
N SER A 317 -19.69 -7.50 -4.47
CA SER A 317 -19.90 -8.39 -3.33
C SER A 317 -19.01 -7.63 -2.35
N LYS A 318 -19.23 -7.81 -1.06
CA LYS A 318 -18.46 -7.05 -0.09
C LYS A 318 -18.85 -7.52 1.29
N MET A 319 -18.08 -7.11 2.28
CA MET A 319 -18.50 -7.34 3.65
C MET A 319 -19.72 -6.43 3.90
N PHE A 320 -20.86 -7.03 4.22
CA PHE A 320 -22.11 -6.30 4.28
C PHE A 320 -22.14 -5.22 5.33
N HIS A 321 -22.91 -4.17 5.06
CA HIS A 321 -23.38 -3.31 6.12
C HIS A 321 -24.70 -3.91 6.53
N SER A 322 -24.87 -4.15 7.82
CA SER A 322 -26.07 -4.81 8.33
C SER A 322 -27.39 -4.35 7.65
N ASP A 323 -27.52 -3.05 7.40
CA ASP A 323 -28.74 -2.48 6.80
C ASP A 323 -29.06 -3.04 5.43
N ASP A 324 -28.00 -3.22 4.61
CA ASP A 324 -28.16 -3.75 3.28
C ASP A 324 -28.58 -5.21 3.39
N LEU A 325 -27.86 -5.98 4.20
CA LEU A 325 -28.15 -7.40 4.34
C LEU A 325 -29.56 -7.60 4.86
N ILE A 326 -29.96 -6.77 5.82
CA ILE A 326 -31.30 -6.86 6.35
C ILE A 326 -32.31 -6.49 5.29
N ARG A 327 -31.95 -5.51 4.46
CA ARG A 327 -32.81 -5.12 3.38
C ARG A 327 -32.92 -6.29 2.39
N CYS A 328 -31.78 -6.87 2.02
CA CYS A 328 -31.76 -7.99 1.08
C CYS A 328 -32.57 -9.21 1.56
N ILE A 329 -32.54 -9.44 2.88
CA ILE A 329 -33.27 -10.54 3.47
C ILE A 329 -34.77 -10.32 3.29
N GLU A 330 -35.23 -9.14 3.66
CA GLU A 330 -36.66 -8.90 3.75
C GLU A 330 -37.32 -8.95 2.38
N ASN A 331 -36.50 -8.79 1.35
CA ASN A 331 -36.99 -8.86 -0.03
C ASN A 331 -37.02 -10.27 -0.60
N ALA A 332 -36.44 -11.20 0.13
CA ALA A 332 -36.50 -12.59 -0.23
C ALA A 332 -37.76 -13.19 0.38
N GLY A 333 -38.48 -12.36 1.14
CA GLY A 333 -39.73 -12.78 1.77
C GLY A 333 -39.49 -13.25 3.20
N LEU A 334 -38.33 -12.92 3.74
CA LEU A 334 -37.96 -13.37 5.08
C LEU A 334 -37.87 -12.18 6.02
N GLU A 335 -37.96 -12.43 7.32
CA GLU A 335 -37.82 -11.36 8.27
C GLU A 335 -36.85 -11.75 9.37
N VAL A 336 -35.92 -10.83 9.66
CA VAL A 336 -35.02 -11.01 10.78
C VAL A 336 -35.86 -11.03 12.03
N GLU A 337 -35.83 -12.12 12.78
CA GLU A 337 -36.53 -12.22 14.05
C GLU A 337 -35.58 -11.89 15.21
N GLU A 338 -34.50 -11.17 14.93
CA GLU A 338 -33.52 -10.90 15.99
C GLU A 338 -32.08 -11.04 15.46
N ILE A 339 -31.23 -10.09 15.79
CA ILE A 339 -29.83 -10.10 15.31
C ILE A 339 -28.79 -10.29 16.39
N GLN A 340 -29.11 -11.05 17.43
CA GLN A 340 -28.06 -11.54 18.30
C GLN A 340 -26.74 -11.48 17.50
N ASP A 341 -25.68 -11.00 18.11
CA ASP A 341 -24.45 -10.94 17.37
C ASP A 341 -23.22 -10.82 18.27
N ASN A 342 -22.08 -10.60 17.64
CA ASN A 342 -20.88 -10.49 18.40
C ASN A 342 -20.31 -11.81 18.88
N ILE A 343 -20.72 -12.90 18.23
CA ILE A 343 -20.10 -14.20 18.46
C ILE A 343 -18.70 -14.33 17.82
N GLY A 344 -17.95 -15.35 18.21
CA GLY A 344 -16.57 -15.46 17.76
C GLY A 344 -15.90 -14.10 17.50
N LEU A 345 -14.93 -14.08 16.57
CA LEU A 345 -14.21 -12.86 16.18
C LEU A 345 -15.15 -11.79 15.62
N GLY A 346 -16.31 -11.60 16.24
CA GLY A 346 -17.20 -10.59 15.72
C GLY A 346 -17.85 -11.16 14.47
N HIS A 347 -18.69 -12.15 14.70
CA HIS A 347 -19.59 -12.68 13.68
C HIS A 347 -20.99 -12.45 14.20
N SER A 348 -21.81 -11.73 13.44
CA SER A 348 -23.17 -11.53 13.88
C SER A 348 -24.02 -12.65 13.29
N ILE A 349 -25.08 -13.03 13.98
CA ILE A 349 -26.02 -13.99 13.40
C ILE A 349 -27.45 -13.41 13.30
N LEU A 350 -28.11 -13.67 12.18
CA LEU A 350 -29.44 -13.15 11.99
C LEU A 350 -30.42 -14.28 11.92
N GLN A 351 -31.19 -14.48 12.99
CA GLN A 351 -32.26 -15.46 12.97
C GLN A 351 -33.44 -14.96 12.18
N CYS A 352 -33.68 -15.56 11.03
CA CYS A 352 -34.79 -15.13 10.22
C CYS A 352 -35.84 -16.20 10.18
N ARG A 353 -37.02 -15.84 9.69
CA ARG A 353 -38.06 -16.82 9.40
C ARG A 353 -38.78 -16.40 8.15
N LEU A 354 -39.68 -17.26 7.70
CA LEU A 354 -40.48 -17.03 6.51
C LEU A 354 -41.53 -15.99 6.88
N LYS A 355 -42.23 -15.47 5.87
CA LYS A 355 -43.35 -14.57 6.13
C LYS A 355 -42.83 -13.19 6.53
N THR B 6 12.09 12.56 18.30
CA THR B 6 11.50 11.78 17.16
C THR B 6 11.19 10.30 17.56
N LYS B 7 12.26 9.51 17.69
CA LYS B 7 12.19 8.07 17.99
C LYS B 7 12.30 7.68 19.49
N GLU B 8 11.15 7.22 19.99
CA GLU B 8 10.89 6.66 21.32
C GLU B 8 9.40 6.32 21.25
N GLN B 9 8.98 5.24 21.89
CA GLN B 9 7.66 4.64 21.61
C GLN B 9 6.48 5.60 21.60
N CYS B 10 5.64 5.49 20.57
CA CYS B 10 4.64 6.51 20.28
C CYS B 10 3.18 6.13 20.43
N THR B 11 2.89 4.84 20.40
CA THR B 11 1.53 4.37 20.22
C THR B 11 1.11 3.65 21.50
N ALA B 12 -0.17 3.77 21.88
CA ALA B 12 -0.76 2.91 22.91
C ALA B 12 -0.56 1.55 22.29
N ALA B 13 -1.19 0.51 22.80
CA ALA B 13 -1.27 -0.71 22.00
C ALA B 13 -2.29 -0.53 20.85
N GLU B 14 -2.42 0.71 20.33
CA GLU B 14 -3.03 1.00 18.98
C GLU B 14 -1.89 0.99 17.95
N ALA B 15 -0.74 0.50 18.42
CA ALA B 15 0.26 -0.07 17.58
C ALA B 15 -0.39 -1.21 16.80
N GLN B 16 -1.50 -1.71 17.34
CA GLN B 16 -2.14 -2.82 16.71
C GLN B 16 -2.91 -2.39 15.46
N ARG B 17 -3.37 -1.16 15.44
CA ARG B 17 -4.13 -0.65 14.31
C ARG B 17 -3.20 -0.28 13.17
N LEU B 18 -2.04 0.26 13.53
CA LEU B 18 -1.02 0.61 12.58
C LEU B 18 -0.61 -0.64 11.82
N ALA B 19 -0.39 -1.75 12.55
CA ALA B 19 0.04 -3.00 11.94
C ALA B 19 -0.92 -3.35 10.83
N GLN B 20 -2.17 -3.02 11.08
CA GLN B 20 -3.22 -3.34 10.15
C GLN B 20 -3.20 -2.30 9.02
N GLU B 21 -3.06 -1.03 9.36
CA GLU B 21 -2.92 -0.01 8.35
C GLU B 21 -1.75 -0.33 7.42
N ILE B 22 -0.64 -0.78 7.99
CA ILE B 22 0.51 -1.18 7.20
C ILE B 22 0.15 -2.36 6.34
N ALA B 23 -0.56 -3.33 6.93
CA ALA B 23 -1.01 -4.55 6.23
C ALA B 23 -1.91 -4.26 5.05
N PHE B 24 -2.70 -3.19 5.13
CA PHE B 24 -3.66 -2.90 4.07
C PHE B 24 -3.21 -1.79 3.10
N GLY B 25 -1.98 -1.32 3.29
CA GLY B 25 -1.42 -0.21 2.50
C GLY B 25 -1.98 -0.18 1.10
N PRO B 26 -1.83 -1.29 0.35
CA PRO B 26 -2.19 -1.31 -1.08
C PRO B 26 -3.68 -1.00 -1.30
N VAL B 27 -4.55 -1.54 -0.44
CA VAL B 27 -5.97 -1.21 -0.51
C VAL B 27 -6.19 0.26 -0.19
N VAL B 28 -5.81 0.66 1.02
CA VAL B 28 -5.84 2.06 1.40
C VAL B 28 -5.40 2.91 0.22
N PHE B 29 -4.18 2.69 -0.27
CA PHE B 29 -3.66 3.44 -1.42
C PHE B 29 -4.60 3.53 -2.62
N GLN B 30 -5.02 2.40 -3.17
CA GLN B 30 -5.84 2.43 -4.40
C GLN B 30 -7.18 3.09 -4.12
N VAL B 31 -7.81 2.71 -3.02
CA VAL B 31 -9.09 3.29 -2.65
C VAL B 31 -9.03 4.78 -2.57
N SER B 32 -7.92 5.29 -2.04
CA SER B 32 -7.85 6.72 -1.84
C SER B 32 -7.48 7.39 -3.15
N ARG B 33 -6.71 6.67 -3.97
CA ARG B 33 -6.30 7.18 -5.25
C ARG B 33 -7.50 7.41 -6.13
N LEU B 34 -8.45 6.50 -6.06
CA LEU B 34 -9.63 6.59 -6.88
C LEU B 34 -10.58 7.63 -6.31
N MET B 35 -10.62 7.79 -5.01
CA MET B 35 -11.52 8.82 -4.47
C MET B 35 -11.14 10.20 -4.95
N LEU B 36 -9.86 10.38 -5.22
CA LEU B 36 -9.39 11.52 -5.97
C LEU B 36 -9.90 11.43 -7.41
N LYS B 37 -9.39 10.44 -8.14
CA LYS B 37 -9.56 10.37 -9.57
C LYS B 37 -11.04 10.50 -9.93
N PHE B 38 -11.88 9.73 -9.26
CA PHE B 38 -13.31 9.75 -9.54
C PHE B 38 -13.92 11.04 -9.02
N GLY B 39 -13.07 11.94 -8.53
CA GLY B 39 -13.52 13.26 -8.08
C GLY B 39 -14.43 13.28 -6.87
N ILE B 40 -14.47 12.20 -6.10
CA ILE B 40 -15.32 12.17 -4.91
C ILE B 40 -14.87 13.04 -3.71
N PHE B 41 -13.58 13.35 -3.59
CA PHE B 41 -13.13 14.29 -2.57
C PHE B 41 -13.65 15.68 -2.95
N GLN B 42 -13.37 16.05 -4.20
CA GLN B 42 -13.92 17.26 -4.82
C GLN B 42 -15.38 17.42 -4.46
N LEU B 43 -16.23 16.69 -5.18
CA LEU B 43 -17.63 16.74 -4.91
C LEU B 43 -17.87 17.05 -3.43
N LEU B 44 -17.18 16.33 -2.54
CA LEU B 44 -17.33 16.49 -1.09
C LEU B 44 -16.82 17.81 -0.50
N SER B 45 -15.77 18.38 -1.09
CA SER B 45 -15.29 19.67 -0.61
C SER B 45 -16.25 20.81 -1.03
N GLY B 46 -17.20 20.49 -1.89
CA GLY B 46 -18.28 21.42 -2.17
C GLY B 46 -19.13 21.55 -0.92
N LYS B 47 -20.31 20.92 -0.95
CA LYS B 47 -21.31 21.08 0.11
C LYS B 47 -20.84 20.67 1.52
N ARG B 48 -20.40 21.65 2.30
CA ARG B 48 -20.05 21.46 3.71
C ARG B 48 -20.94 20.43 4.40
N GLU B 49 -22.22 20.50 4.10
CA GLU B 49 -23.25 19.62 4.66
C GLU B 49 -22.94 18.13 4.40
N GLY B 50 -22.21 17.89 3.33
CA GLY B 50 -21.93 16.54 2.88
C GLY B 50 -23.02 15.98 2.02
N TYR B 51 -22.66 14.97 1.23
CA TYR B 51 -23.60 14.26 0.38
C TYR B 51 -23.97 12.86 0.87
N THR B 52 -25.07 12.38 0.30
CA THR B 52 -25.68 11.13 0.66
C THR B 52 -25.02 10.11 -0.25
N LEU B 53 -25.15 8.82 0.06
CA LEU B 53 -24.54 7.80 -0.81
C LEU B 53 -25.19 7.87 -2.17
N GLN B 54 -26.52 7.82 -2.18
CA GLN B 54 -27.27 7.95 -3.42
C GLN B 54 -26.81 9.18 -4.23
N GLU B 55 -26.76 10.36 -3.59
CA GLU B 55 -26.36 11.58 -4.29
C GLU B 55 -25.00 11.38 -4.94
N ILE B 56 -24.15 10.61 -4.27
CA ILE B 56 -22.76 10.43 -4.68
C ILE B 56 -22.60 9.56 -5.93
N SER B 57 -23.33 8.45 -6.01
CA SER B 57 -23.31 7.64 -7.24
C SER B 57 -23.79 8.45 -8.43
N GLY B 58 -24.97 9.05 -8.30
CA GLY B 58 -25.53 9.92 -9.35
C GLY B 58 -24.54 10.99 -9.79
N ARG B 59 -24.09 11.82 -8.86
CA ARG B 59 -23.15 12.86 -9.18
C ARG B 59 -21.90 12.38 -9.94
N THR B 60 -21.48 11.14 -9.70
CA THR B 60 -20.19 10.62 -10.23
C THR B 60 -20.36 9.64 -11.38
N GLY B 61 -21.52 8.98 -11.43
CA GLY B 61 -21.75 7.97 -12.44
C GLY B 61 -21.24 6.62 -12.01
N LEU B 62 -20.84 6.52 -10.75
CA LEU B 62 -20.37 5.27 -10.20
C LEU B 62 -21.55 4.42 -9.78
N THR B 63 -21.36 3.11 -9.79
CA THR B 63 -22.48 2.20 -9.63
C THR B 63 -23.22 2.34 -8.31
N ARG B 64 -22.59 2.92 -7.31
CA ARG B 64 -23.21 2.95 -6.00
C ARG B 64 -22.63 1.88 -5.13
N TYR B 65 -22.66 0.65 -5.63
CA TYR B 65 -21.79 -0.38 -5.11
C TYR B 65 -20.36 0.15 -5.22
N ALA B 66 -19.94 0.46 -6.44
CA ALA B 66 -18.62 1.01 -6.67
C ALA B 66 -18.36 2.16 -5.74
N ALA B 67 -19.42 2.82 -5.31
CA ALA B 67 -19.23 4.05 -4.55
C ALA B 67 -19.27 3.74 -3.06
N GLN B 68 -20.17 2.84 -2.67
CA GLN B 68 -20.32 2.48 -1.29
C GLN B 68 -18.97 1.94 -0.81
N VAL B 69 -18.43 1.07 -1.64
CA VAL B 69 -17.22 0.34 -1.37
C VAL B 69 -16.04 1.31 -1.13
N LEU B 70 -15.92 2.35 -1.94
CA LEU B 70 -14.92 3.38 -1.67
C LEU B 70 -15.24 4.20 -0.40
N LEU B 71 -16.49 4.60 -0.27
CA LEU B 71 -16.83 5.43 0.85
C LEU B 71 -16.56 4.70 2.14
N GLU B 72 -17.01 3.44 2.22
CA GLU B 72 -16.87 2.68 3.46
C GLU B 72 -15.39 2.49 3.86
N ALA B 73 -14.54 2.20 2.88
CA ALA B 73 -13.13 2.03 3.15
C ALA B 73 -12.55 3.38 3.60
N SER B 74 -12.90 4.45 2.91
CA SER B 74 -12.43 5.79 3.26
C SER B 74 -12.97 6.27 4.59
N LEU B 75 -14.22 5.94 4.89
CA LEU B 75 -14.79 6.27 6.17
C LEU B 75 -13.87 5.79 7.28
N THR B 76 -13.50 4.49 7.26
CA THR B 76 -12.62 3.89 8.27
C THR B 76 -11.16 4.32 8.13
N ILE B 77 -10.70 4.56 6.91
CA ILE B 77 -9.37 5.13 6.75
C ILE B 77 -9.35 6.46 7.51
N GLY B 78 -10.46 7.21 7.45
CA GLY B 78 -10.57 8.53 8.08
C GLY B 78 -10.41 9.74 7.16
N THR B 79 -10.51 9.55 5.84
CA THR B 79 -10.33 10.66 4.92
C THR B 79 -11.65 11.40 4.71
N ILE B 80 -12.74 10.72 5.04
CA ILE B 80 -14.07 11.33 5.07
C ILE B 80 -14.69 10.88 6.35
N LEU B 81 -15.96 11.17 6.53
CA LEU B 81 -16.46 11.23 7.87
C LEU B 81 -17.97 11.22 7.72
N LEU B 82 -18.70 10.59 8.63
CA LEU B 82 -20.13 10.36 8.42
C LEU B 82 -21.03 11.26 9.25
N GLU B 83 -22.04 11.86 8.62
CA GLU B 83 -23.03 12.65 9.37
C GLU B 83 -24.46 12.18 9.12
N GLU B 84 -25.03 11.52 10.12
CA GLU B 84 -26.28 10.80 9.94
C GLU B 84 -26.09 9.85 8.76
N ASP B 85 -26.58 10.28 7.60
CA ASP B 85 -26.48 9.48 6.38
C ASP B 85 -25.84 10.24 5.21
N ARG B 86 -25.06 11.26 5.50
CA ARG B 86 -24.36 11.99 4.47
C ARG B 86 -22.88 12.12 4.81
N TYR B 87 -22.03 11.89 3.82
CA TYR B 87 -20.61 11.88 4.05
C TYR B 87 -20.05 13.27 3.93
N VAL B 88 -19.11 13.59 4.81
CA VAL B 88 -18.37 14.85 4.75
C VAL B 88 -16.89 14.60 4.52
N LEU B 89 -16.23 15.52 3.82
CA LEU B 89 -14.78 15.42 3.69
C LEU B 89 -14.08 15.66 5.05
N ALA B 90 -13.06 14.86 5.37
CA ALA B 90 -12.30 15.12 6.60
C ALA B 90 -10.95 15.79 6.28
N LYS B 91 -10.19 16.15 7.31
CA LYS B 91 -8.95 16.90 7.10
C LYS B 91 -7.99 16.15 6.23
N ALA B 92 -7.95 14.82 6.40
CA ALA B 92 -6.99 14.00 5.68
C ALA B 92 -7.37 13.89 4.21
N GLY B 93 -8.68 13.84 3.94
CA GLY B 93 -9.17 13.94 2.57
C GLY B 93 -8.76 15.25 1.91
N TRP B 94 -8.89 16.35 2.66
CA TRP B 94 -8.42 17.67 2.23
C TRP B 94 -6.96 17.68 1.84
N PHE B 95 -6.08 17.20 2.72
CA PHE B 95 -4.67 17.19 2.36
C PHE B 95 -4.40 16.40 1.09
N LEU B 96 -5.14 15.32 0.87
CA LEU B 96 -5.00 14.56 -0.35
C LEU B 96 -5.52 15.36 -1.55
N LEU B 97 -6.67 15.98 -1.34
CA LEU B 97 -7.27 16.84 -2.36
C LEU B 97 -6.37 18.01 -2.75
N ASN B 98 -5.91 18.77 -1.77
CA ASN B 98 -5.27 20.09 -1.99
C ASN B 98 -3.78 20.21 -1.75
N ASP B 99 -3.10 19.19 -1.25
CA ASP B 99 -1.67 19.29 -0.93
C ASP B 99 -0.87 18.71 -2.09
N LYS B 100 0.03 19.52 -2.64
CA LYS B 100 0.79 19.13 -3.82
C LYS B 100 1.71 17.94 -3.56
N MET B 101 2.41 17.93 -2.43
CA MET B 101 3.33 16.83 -2.11
C MET B 101 2.61 15.49 -2.08
N ALA B 102 1.42 15.46 -1.49
CA ALA B 102 0.68 14.21 -1.38
C ALA B 102 0.26 13.72 -2.77
N ARG B 103 -0.05 14.67 -3.64
CA ARG B 103 -0.47 14.35 -4.99
C ARG B 103 0.66 13.84 -5.88
N VAL B 104 1.81 14.50 -5.80
CA VAL B 104 3.03 14.04 -6.46
C VAL B 104 3.37 12.60 -6.05
N ASN B 105 3.51 12.35 -4.75
CA ASN B 105 3.81 11.01 -4.23
C ASN B 105 2.81 9.96 -4.65
N MET B 106 1.53 10.23 -4.41
CA MET B 106 0.48 9.29 -4.77
C MET B 106 0.59 8.91 -6.22
N GLU B 107 0.80 9.93 -7.05
CA GLU B 107 0.84 9.72 -8.49
C GLU B 107 2.12 9.01 -8.88
N PHE B 108 3.23 9.42 -8.29
CA PHE B 108 4.48 8.73 -8.44
C PHE B 108 4.31 7.24 -8.09
N ASN B 109 3.75 6.96 -6.92
CA ASN B 109 3.67 5.58 -6.44
C ASN B 109 2.77 4.69 -7.30
N HIS B 110 1.63 5.21 -7.75
CA HIS B 110 0.78 4.42 -8.64
C HIS B 110 1.39 4.21 -10.02
N ASP B 111 1.63 5.31 -10.74
CA ASP B 111 2.09 5.22 -12.12
C ASP B 111 3.48 4.63 -12.26
N VAL B 112 4.36 4.88 -11.31
CA VAL B 112 5.77 4.52 -11.52
C VAL B 112 6.27 3.32 -10.71
N ASN B 113 5.83 3.25 -9.45
CA ASN B 113 6.26 2.25 -8.47
C ASN B 113 5.29 1.09 -8.18
N TYR B 114 3.99 1.31 -8.20
CA TYR B 114 3.09 0.30 -7.65
C TYR B 114 3.44 -1.11 -8.08
N GLN B 115 3.29 -1.39 -9.36
CA GLN B 115 3.52 -2.74 -9.89
C GLN B 115 4.90 -3.32 -9.59
N GLY B 116 5.93 -2.50 -9.76
CA GLY B 116 7.29 -2.94 -9.54
C GLY B 116 7.68 -3.20 -8.10
N LEU B 117 6.98 -2.60 -7.16
CA LEU B 117 7.37 -2.79 -5.76
C LEU B 117 7.17 -4.21 -5.38
N PHE B 118 6.27 -4.87 -6.10
CA PHE B 118 5.92 -6.23 -5.76
C PHE B 118 7.16 -7.10 -5.85
N HIS B 119 8.18 -6.63 -6.59
CA HIS B 119 9.48 -7.32 -6.72
C HIS B 119 10.60 -6.70 -5.90
N LEU B 120 10.23 -5.96 -4.85
CA LEU B 120 11.20 -5.35 -3.98
C LEU B 120 12.13 -6.37 -3.29
N GLU B 121 11.58 -7.54 -3.02
CA GLU B 121 12.32 -8.59 -2.37
C GLU B 121 13.53 -9.01 -3.20
N GLU B 122 13.29 -9.25 -4.48
CA GLU B 122 14.33 -9.71 -5.38
C GLU B 122 15.34 -8.58 -5.60
N ALA B 123 14.83 -7.37 -5.73
CA ALA B 123 15.70 -6.20 -5.85
C ALA B 123 16.63 -6.02 -4.64
N LEU B 124 16.12 -6.31 -3.45
CA LEU B 124 16.89 -6.21 -2.23
C LEU B 124 17.87 -7.37 -2.14
N LEU B 125 17.49 -8.48 -2.74
CA LEU B 125 18.36 -9.64 -2.74
C LEU B 125 19.44 -9.54 -3.85
N ASN B 126 19.03 -9.23 -5.07
CA ASN B 126 19.93 -9.29 -6.24
C ASN B 126 20.69 -8.01 -6.52
N GLY B 127 20.33 -6.95 -5.81
CA GLY B 127 21.04 -5.68 -5.91
C GLY B 127 20.90 -4.94 -7.22
N ARG B 128 19.78 -5.16 -7.91
CA ARG B 128 19.39 -4.31 -9.03
C ARG B 128 17.87 -4.13 -9.02
N PRO B 129 17.34 -3.26 -9.91
CA PRO B 129 15.93 -2.83 -9.84
C PRO B 129 14.97 -3.82 -10.48
N GLU B 130 14.80 -4.96 -9.82
CA GLU B 130 13.93 -6.02 -10.34
C GLU B 130 12.53 -5.52 -10.66
N GLY B 131 12.10 -4.43 -10.04
CA GLY B 131 10.80 -3.85 -10.37
C GLY B 131 10.71 -3.29 -11.77
N LEU B 132 11.81 -2.79 -12.31
CA LEU B 132 11.79 -2.12 -13.60
C LEU B 132 11.29 -3.04 -14.70
N LYS B 133 11.60 -4.32 -14.58
CA LYS B 133 11.24 -5.33 -15.57
C LYS B 133 9.72 -5.38 -15.78
N VAL B 134 8.99 -4.66 -14.96
CA VAL B 134 7.57 -4.60 -15.16
C VAL B 134 7.24 -3.71 -16.39
N PHE B 135 8.24 -2.98 -16.88
CA PHE B 135 8.10 -2.06 -18.02
C PHE B 135 9.03 -2.48 -19.14
N GLY B 136 10.29 -2.62 -18.80
CA GLY B 136 11.27 -3.10 -19.73
C GLY B 136 12.41 -3.56 -18.85
N GLU B 137 13.55 -3.83 -19.46
CA GLU B 137 14.69 -4.11 -18.62
C GLU B 137 15.96 -3.58 -19.25
N TRP B 138 16.02 -2.26 -19.28
CA TRP B 138 17.25 -1.53 -19.26
C TRP B 138 17.87 -1.84 -17.91
N PRO B 139 19.20 -1.70 -17.81
CA PRO B 139 19.89 -1.83 -16.54
C PRO B 139 19.29 -0.93 -15.47
N THR B 140 18.76 0.23 -15.90
CA THR B 140 18.49 1.35 -15.01
C THR B 140 17.21 2.10 -15.40
N ILE B 141 16.61 2.87 -14.50
CA ILE B 141 15.38 3.57 -14.91
C ILE B 141 15.72 4.75 -15.80
N TYR B 142 16.96 5.19 -15.68
CA TYR B 142 17.42 6.33 -16.44
C TYR B 142 17.55 5.98 -17.92
N GLU B 143 18.08 4.81 -18.23
CA GLU B 143 18.16 4.43 -19.63
C GLU B 143 16.84 3.98 -20.24
N GLY B 144 15.78 3.91 -19.45
CA GLY B 144 14.49 3.48 -19.98
C GLY B 144 13.45 4.57 -19.95
N LEU B 145 13.85 5.71 -19.41
CA LEU B 145 12.90 6.79 -19.22
C LEU B 145 12.11 7.07 -20.49
N SER B 146 12.81 7.37 -21.57
CA SER B 146 12.16 7.76 -22.83
C SER B 146 11.21 6.71 -23.39
N GLN B 147 11.08 5.59 -22.69
CA GLN B 147 10.33 4.44 -23.24
C GLN B 147 9.12 4.05 -22.40
N LEU B 148 8.95 4.66 -21.24
CA LEU B 148 7.85 4.26 -20.40
C LEU B 148 6.60 4.96 -20.91
N PRO B 149 5.43 4.42 -20.55
CA PRO B 149 4.13 4.99 -20.94
C PRO B 149 3.96 6.49 -20.63
N GLU B 150 3.18 7.17 -21.48
CA GLU B 150 2.92 8.60 -21.27
C GLU B 150 2.70 8.91 -19.79
N GLN B 151 1.68 8.28 -19.20
CA GLN B 151 1.29 8.55 -17.82
C GLN B 151 2.42 8.29 -16.85
N VAL B 152 3.27 7.33 -17.16
CA VAL B 152 4.40 7.03 -16.30
C VAL B 152 5.38 8.16 -16.35
N GLN B 153 5.62 8.67 -17.56
CA GLN B 153 6.58 9.76 -17.77
C GLN B 153 6.15 11.05 -17.06
N LYS B 154 4.86 11.41 -17.22
CA LYS B 154 4.26 12.54 -16.49
C LYS B 154 4.54 12.44 -14.99
N SER B 155 4.29 11.26 -14.41
CA SER B 155 4.40 11.06 -12.96
C SER B 155 5.82 11.05 -12.45
N TRP B 156 6.75 10.54 -13.25
CA TRP B 156 8.16 10.55 -12.90
C TRP B 156 8.75 11.95 -12.97
N PHE B 157 8.31 12.75 -13.93
CA PHE B 157 8.88 14.09 -14.10
C PHE B 157 8.37 14.99 -13.02
N GLY B 158 7.12 14.75 -12.63
CA GLY B 158 6.49 15.48 -11.56
C GLY B 158 7.25 15.20 -10.29
N PHE B 159 7.51 13.92 -10.01
CA PHE B 159 8.27 13.59 -8.83
C PHE B 159 9.61 14.28 -8.94
N ASP B 160 10.21 14.19 -10.12
CA ASP B 160 11.56 14.68 -10.29
C ASP B 160 11.60 16.19 -10.08
N HIS B 161 10.55 16.88 -10.48
CA HIS B 161 10.53 18.31 -10.37
C HIS B 161 10.38 18.71 -8.93
N PHE B 162 9.39 18.13 -8.28
CA PHE B 162 8.96 18.55 -6.95
C PHE B 162 10.02 18.29 -5.88
N TYR B 163 10.94 17.37 -6.12
CA TYR B 163 11.94 17.09 -5.10
C TYR B 163 13.27 17.80 -5.38
N SER B 164 13.23 18.78 -6.26
CA SER B 164 14.38 19.60 -6.61
C SER B 164 14.30 20.97 -5.93
N ASP B 165 15.40 21.71 -5.95
CA ASP B 165 15.32 23.08 -5.45
C ASP B 165 14.55 23.93 -6.48
N GLN B 166 13.57 24.67 -5.97
CA GLN B 166 12.81 25.55 -6.81
C GLN B 166 12.88 26.91 -6.17
N SER B 167 13.72 27.03 -5.16
CA SER B 167 13.89 28.29 -4.43
C SER B 167 15.15 29.03 -4.91
N PHE B 168 16.33 28.47 -4.63
CA PHE B 168 17.54 29.01 -5.25
C PHE B 168 18.21 30.17 -4.55
N GLY B 169 17.40 31.03 -3.94
CA GLY B 169 17.89 32.20 -3.22
C GLY B 169 19.12 31.96 -2.37
N LYS B 170 18.98 31.09 -1.38
CA LYS B 170 20.09 30.78 -0.50
C LYS B 170 21.28 30.21 -1.27
N ALA B 171 21.01 29.21 -2.10
CA ALA B 171 22.05 28.65 -2.97
C ALA B 171 22.83 29.76 -3.72
N LEU B 172 22.11 30.65 -4.38
CA LEU B 172 22.81 31.70 -5.13
C LEU B 172 23.82 32.52 -4.30
N GLU B 173 23.44 32.91 -3.09
CA GLU B 173 24.34 33.74 -2.32
C GLU B 173 25.47 32.93 -1.71
N ILE B 174 25.18 31.72 -1.26
CA ILE B 174 26.21 30.82 -0.74
C ILE B 174 27.27 30.63 -1.81
N VAL B 175 26.83 30.51 -3.05
CA VAL B 175 27.76 30.18 -4.12
C VAL B 175 28.47 31.42 -4.63
N PHE B 176 27.73 32.50 -4.84
CA PHE B 176 28.32 33.67 -5.49
C PHE B 176 29.05 34.56 -4.52
N SER B 177 28.93 34.26 -3.23
CA SER B 177 29.74 34.95 -2.22
C SER B 177 31.24 34.65 -2.38
N HIS B 178 31.57 33.71 -3.26
CA HIS B 178 32.97 33.44 -3.59
C HIS B 178 33.33 33.86 -5.02
N HIS B 179 32.48 34.62 -5.70
CA HIS B 179 32.78 35.09 -7.06
C HIS B 179 33.45 33.99 -7.88
N PRO B 180 32.72 32.91 -8.18
CA PRO B 180 33.25 31.95 -9.14
C PRO B 180 33.17 32.49 -10.56
N LYS B 181 34.21 32.27 -11.37
CA LYS B 181 34.20 32.71 -12.76
C LYS B 181 33.62 31.66 -13.71
N ARG B 182 33.84 30.40 -13.36
CA ARG B 182 33.24 29.28 -14.08
C ARG B 182 32.67 28.31 -13.08
N LEU B 183 31.47 27.83 -13.35
CA LEU B 183 30.81 26.85 -12.49
C LEU B 183 30.50 25.61 -13.32
N LEU B 184 30.93 24.46 -12.83
CA LEU B 184 30.67 23.19 -13.48
C LEU B 184 29.51 22.55 -12.78
N ASP B 185 28.42 22.28 -13.51
CA ASP B 185 27.22 21.73 -12.87
C ASP B 185 26.96 20.30 -13.31
N ILE B 186 27.18 19.37 -12.39
CA ILE B 186 27.20 17.95 -12.76
C ILE B 186 25.81 17.33 -12.66
N GLY B 187 25.23 17.02 -13.81
CA GLY B 187 23.89 16.43 -13.85
C GLY B 187 22.76 17.44 -13.96
N GLY B 188 23.07 18.72 -14.07
CA GLY B 188 22.01 19.73 -14.07
C GLY B 188 21.20 19.78 -15.34
N ASN B 189 20.71 18.63 -15.79
CA ASN B 189 20.14 18.54 -17.16
C ASN B 189 18.91 19.38 -17.54
N THR B 190 18.14 19.89 -16.59
CA THR B 190 17.03 20.77 -16.98
C THR B 190 17.57 22.15 -17.30
N GLY B 191 18.74 22.48 -16.75
CA GLY B 191 19.34 23.77 -16.99
C GLY B 191 18.77 24.81 -16.06
N LYS B 192 17.80 24.39 -15.24
CA LYS B 192 17.16 25.31 -14.30
C LYS B 192 18.15 26.07 -13.37
N TRP B 193 19.01 25.35 -12.67
CA TRP B 193 20.02 25.97 -11.83
C TRP B 193 20.93 26.89 -12.61
N ALA B 194 21.45 26.43 -13.75
CA ALA B 194 22.35 27.24 -14.58
C ALA B 194 21.65 28.53 -15.02
N THR B 195 20.36 28.46 -15.33
CA THR B 195 19.62 29.64 -15.67
C THR B 195 19.67 30.66 -14.55
N GLN B 196 19.54 30.20 -13.31
CA GLN B 196 19.58 31.09 -12.16
C GLN B 196 20.95 31.75 -12.00
N CYS B 197 22.02 30.98 -12.18
CA CYS B 197 23.38 31.51 -12.02
C CYS B 197 23.71 32.56 -13.06
N VAL B 198 23.22 32.28 -14.25
CA VAL B 198 23.57 33.04 -15.41
C VAL B 198 22.78 34.35 -15.37
N GLN B 199 21.68 34.34 -14.62
CA GLN B 199 20.86 35.55 -14.47
C GLN B 199 21.16 36.23 -13.15
N TYR B 200 21.89 35.55 -12.29
CA TYR B 200 22.29 36.20 -11.07
C TYR B 200 23.52 37.09 -11.32
N ASN B 201 24.57 36.50 -11.85
CA ASN B 201 25.80 37.19 -12.04
C ASN B 201 26.01 37.19 -13.54
N LYS B 202 26.46 38.34 -14.07
CA LYS B 202 26.53 38.63 -15.51
C LYS B 202 27.82 38.16 -16.19
N GLU B 203 28.73 37.61 -15.42
CA GLU B 203 30.02 37.20 -15.96
C GLU B 203 30.25 35.70 -15.81
N VAL B 204 29.60 35.06 -14.85
CA VAL B 204 29.83 33.62 -14.67
C VAL B 204 29.49 32.82 -15.93
N GLU B 205 30.29 31.81 -16.21
CA GLU B 205 29.95 30.86 -17.26
C GLU B 205 29.78 29.46 -16.72
N VAL B 206 28.65 28.84 -17.07
CA VAL B 206 28.20 27.56 -16.46
C VAL B 206 28.29 26.40 -17.43
N THR B 207 28.86 25.29 -16.99
CA THR B 207 28.98 24.13 -17.84
C THR B 207 28.23 22.99 -17.21
N ILE B 208 27.29 22.43 -17.95
CA ILE B 208 26.50 21.30 -17.46
C ILE B 208 27.13 20.01 -17.96
N VAL B 209 27.27 19.01 -17.10
CA VAL B 209 27.83 17.74 -17.50
C VAL B 209 26.78 16.66 -17.40
N ASP B 210 26.48 15.99 -18.51
CA ASP B 210 25.46 14.94 -18.54
C ASP B 210 25.51 14.26 -19.90
N LEU B 211 24.93 13.07 -20.03
CA LEU B 211 24.83 12.37 -21.33
C LEU B 211 24.37 13.28 -22.47
N PRO B 212 25.00 13.14 -23.64
CA PRO B 212 24.71 13.99 -24.81
C PRO B 212 23.21 14.22 -25.12
N GLN B 213 22.38 13.20 -24.94
CA GLN B 213 20.95 13.34 -25.24
C GLN B 213 20.33 14.29 -24.25
N GLN B 214 20.62 14.04 -22.98
CA GLN B 214 20.19 14.88 -21.87
C GLN B 214 20.47 16.34 -22.18
N LEU B 215 21.65 16.61 -22.72
CA LEU B 215 22.07 17.96 -23.08
C LEU B 215 21.30 18.54 -24.24
N GLU B 216 20.83 17.68 -25.14
CA GLU B 216 20.00 18.19 -26.22
C GLU B 216 18.76 18.74 -25.58
N MET B 217 18.23 17.98 -24.62
CA MET B 217 17.05 18.39 -23.92
C MET B 217 17.30 19.75 -23.22
N MET B 218 18.45 19.94 -22.58
CA MET B 218 18.62 21.17 -21.81
C MET B 218 18.78 22.38 -22.70
N ARG B 219 19.25 22.19 -23.93
CA ARG B 219 19.36 23.32 -24.88
C ARG B 219 17.97 23.71 -25.33
N LYS B 220 17.11 22.71 -25.46
CA LYS B 220 15.70 22.90 -25.77
C LYS B 220 15.04 23.73 -24.68
N GLN B 221 15.13 23.20 -23.46
CA GLN B 221 14.53 23.78 -22.25
C GLN B 221 15.02 25.19 -21.93
N THR B 222 16.34 25.43 -22.01
CA THR B 222 16.89 26.76 -21.76
C THR B 222 16.86 27.61 -22.99
N ALA B 223 16.10 27.19 -23.99
CA ALA B 223 16.08 27.92 -25.24
C ALA B 223 15.58 29.35 -25.03
N GLY B 224 16.29 30.31 -25.62
CA GLY B 224 15.88 31.72 -25.57
C GLY B 224 15.72 32.36 -24.19
N LEU B 225 16.36 31.77 -23.18
CA LEU B 225 16.37 32.38 -21.86
C LEU B 225 17.55 33.33 -21.70
N SER B 226 17.48 34.20 -20.68
CA SER B 226 18.35 35.37 -20.55
C SER B 226 19.88 35.18 -20.58
N GLY B 227 20.44 34.21 -19.88
CA GLY B 227 21.90 34.07 -19.88
C GLY B 227 22.52 33.00 -20.78
N SER B 228 21.70 32.38 -21.64
CA SER B 228 22.05 31.08 -22.20
C SER B 228 23.30 31.06 -23.09
N GLU B 229 23.69 32.21 -23.62
CA GLU B 229 24.96 32.24 -24.33
C GLU B 229 26.08 31.82 -23.38
N ARG B 230 25.78 31.77 -22.08
CA ARG B 230 26.80 31.54 -21.06
C ARG B 230 26.59 30.20 -20.35
N ILE B 231 25.72 29.38 -20.91
CA ILE B 231 25.49 28.02 -20.47
C ILE B 231 25.98 27.08 -21.55
N HIS B 232 26.84 26.15 -21.16
CA HIS B 232 27.46 25.21 -22.08
C HIS B 232 27.17 23.82 -21.60
N GLY B 233 27.21 22.86 -22.51
CA GLY B 233 27.05 21.45 -22.16
C GLY B 233 28.38 20.74 -22.34
N HIS B 234 28.59 19.66 -21.60
CA HIS B 234 29.79 18.88 -21.75
C HIS B 234 29.38 17.43 -21.70
N GLY B 235 29.35 16.77 -22.86
CA GLY B 235 28.85 15.41 -22.98
C GLY B 235 29.73 14.35 -22.31
N ALA B 236 29.21 13.66 -21.30
CA ALA B 236 30.01 12.68 -20.58
C ALA B 236 29.21 11.49 -20.06
N ASN B 237 29.92 10.39 -19.80
CA ASN B 237 29.34 9.26 -19.11
C ASN B 237 29.86 9.27 -17.67
N LEU B 238 29.19 10.07 -16.85
CA LEU B 238 29.57 10.19 -15.45
C LEU B 238 29.97 8.82 -14.91
N LEU B 239 29.54 7.76 -15.58
CA LEU B 239 29.92 6.44 -15.12
C LEU B 239 31.38 6.15 -15.47
N ASP B 240 31.68 6.16 -16.76
CA ASP B 240 33.03 5.95 -17.25
C ASP B 240 34.12 6.39 -16.25
N ARG B 241 34.43 5.52 -15.28
CA ARG B 241 35.41 5.86 -14.24
C ARG B 241 36.73 6.35 -14.82
N ASP B 242 36.78 6.42 -16.15
CA ASP B 242 38.03 6.63 -16.87
C ASP B 242 38.19 8.06 -17.35
N VAL B 243 37.09 8.66 -17.79
CA VAL B 243 37.15 10.04 -18.26
C VAL B 243 37.21 10.99 -17.07
N PRO B 244 38.17 11.93 -17.13
CA PRO B 244 38.35 12.97 -16.12
C PRO B 244 37.37 14.12 -16.34
N PHE B 245 37.04 14.83 -15.26
CA PHE B 245 36.19 16.00 -15.37
C PHE B 245 36.93 17.19 -15.95
N PRO B 246 36.21 18.01 -16.72
CA PRO B 246 36.85 19.20 -17.20
C PRO B 246 37.38 19.95 -15.98
N THR B 247 38.51 20.64 -16.15
CA THR B 247 39.18 21.37 -15.09
C THR B 247 38.98 22.87 -15.24
N GLY B 248 39.56 23.64 -14.31
CA GLY B 248 39.56 25.10 -14.41
C GLY B 248 38.29 25.76 -13.89
N PHE B 249 37.64 25.06 -12.97
CA PHE B 249 36.34 25.48 -12.44
C PHE B 249 36.50 25.82 -10.98
N ASP B 250 35.99 26.98 -10.58
CA ASP B 250 36.17 27.39 -9.19
C ASP B 250 34.94 27.09 -8.35
N ALA B 251 33.88 26.63 -9.01
CA ALA B 251 32.75 26.04 -8.29
C ALA B 251 32.26 24.82 -9.05
N VAL B 252 32.07 23.73 -8.33
CA VAL B 252 31.51 22.50 -8.88
C VAL B 252 30.23 22.18 -8.12
N TRP B 253 29.18 21.83 -8.84
CA TRP B 253 27.86 21.77 -8.24
C TRP B 253 27.12 20.48 -8.57
N MET B 254 26.57 19.83 -7.55
CA MET B 254 25.79 18.60 -7.70
C MET B 254 24.58 18.78 -6.80
N SER B 255 23.38 18.76 -7.38
CA SER B 255 22.15 18.94 -6.58
C SER B 255 21.05 17.92 -6.93
N GLN B 256 20.64 17.12 -5.95
CA GLN B 256 19.67 16.01 -6.15
C GLN B 256 20.08 15.07 -7.27
N PHE B 257 21.37 14.89 -7.38
CA PHE B 257 21.97 14.04 -8.37
C PHE B 257 22.82 13.27 -7.40
N LEU B 258 23.08 11.99 -7.59
CA LEU B 258 24.00 11.46 -6.59
C LEU B 258 23.36 10.65 -5.53
N ASP B 259 22.13 10.98 -5.17
CA ASP B 259 21.35 10.04 -4.42
C ASP B 259 20.86 9.00 -5.43
N CYS B 260 21.30 9.14 -6.68
CA CYS B 260 20.94 8.13 -7.70
C CYS B 260 22.09 7.18 -7.93
N PHE B 261 23.09 7.24 -7.06
CA PHE B 261 24.30 6.43 -7.18
C PHE B 261 24.64 5.67 -5.91
N SER B 262 25.25 4.49 -6.06
CA SER B 262 25.68 3.68 -4.92
C SER B 262 26.66 4.54 -4.22
N GLU B 263 26.93 4.21 -2.98
CA GLU B 263 28.01 4.84 -2.25
C GLU B 263 29.27 4.70 -3.09
N GLU B 264 29.53 3.48 -3.53
CA GLU B 264 30.67 3.19 -4.39
C GLU B 264 30.79 4.24 -5.51
N GLU B 265 29.72 4.36 -6.30
CA GLU B 265 29.70 5.27 -7.43
C GLU B 265 29.88 6.70 -6.97
N VAL B 266 29.22 7.08 -5.88
CA VAL B 266 29.45 8.41 -5.34
C VAL B 266 30.93 8.71 -5.14
N ILE B 267 31.62 7.83 -4.43
CA ILE B 267 33.02 8.04 -4.13
C ILE B 267 33.82 8.12 -5.43
N SER B 268 33.46 7.27 -6.37
CA SER B 268 34.07 7.28 -7.70
C SER B 268 33.86 8.66 -8.29
N ILE B 269 32.60 9.09 -8.40
CA ILE B 269 32.28 10.42 -8.92
C ILE B 269 33.01 11.54 -8.19
N LEU B 270 32.98 11.51 -6.85
CA LEU B 270 33.62 12.54 -6.02
C LEU B 270 35.15 12.58 -6.02
N THR B 271 35.81 11.44 -6.26
CA THR B 271 37.28 11.46 -6.40
C THR B 271 37.68 12.11 -7.72
N ARG B 272 36.95 11.79 -8.79
CA ARG B 272 37.22 12.38 -10.10
C ARG B 272 37.06 13.90 -10.04
N VAL B 273 36.14 14.37 -9.21
CA VAL B 273 35.97 15.79 -8.97
C VAL B 273 37.14 16.36 -8.18
N ALA B 274 37.48 15.71 -7.08
CA ALA B 274 38.60 16.17 -6.28
C ALA B 274 39.82 16.42 -7.18
N GLN B 275 39.90 15.69 -8.28
CA GLN B 275 41.04 15.78 -9.17
C GLN B 275 40.79 16.69 -10.37
N SER B 276 39.86 17.62 -10.25
CA SER B 276 39.63 18.57 -11.33
C SER B 276 39.88 19.96 -10.82
N ILE B 277 39.96 20.09 -9.50
CA ILE B 277 39.85 21.38 -8.87
C ILE B 277 41.12 21.87 -8.18
N GLY B 278 41.23 23.19 -8.03
CA GLY B 278 42.30 23.82 -7.29
C GLY B 278 42.02 23.83 -5.79
N LYS B 279 43.05 24.13 -5.01
CA LYS B 279 42.93 24.29 -3.57
C LYS B 279 41.86 25.34 -3.23
N ASP B 280 41.63 26.27 -4.15
CA ASP B 280 40.70 27.40 -3.93
C ASP B 280 39.28 27.13 -4.44
N SER B 281 39.11 26.01 -5.13
CA SER B 281 37.81 25.64 -5.68
C SER B 281 36.91 25.12 -4.60
N LYS B 282 35.63 25.51 -4.65
CA LYS B 282 34.62 25.09 -3.68
C LYS B 282 33.65 24.15 -4.38
N VAL B 283 33.32 23.04 -3.74
CA VAL B 283 32.35 22.10 -4.31
C VAL B 283 31.08 21.96 -3.47
N TYR B 284 29.92 22.10 -4.11
CA TYR B 284 28.66 22.11 -3.36
C TYR B 284 27.84 20.88 -3.68
N ILE B 285 27.38 20.20 -2.65
CA ILE B 285 26.50 19.06 -2.83
C ILE B 285 25.19 19.48 -2.16
N MET B 286 24.08 19.37 -2.89
CA MET B 286 22.77 19.73 -2.34
C MET B 286 21.85 18.51 -2.41
N GLU B 287 21.45 17.99 -1.25
CA GLU B 287 20.60 16.81 -1.16
C GLU B 287 19.42 17.07 -0.25
N THR B 288 18.39 16.21 -0.33
CA THR B 288 17.36 16.17 0.69
C THR B 288 17.69 15.05 1.69
N LEU B 289 18.32 15.39 2.82
CA LEU B 289 18.81 14.38 3.77
C LEU B 289 17.82 14.13 4.88
N TRP B 290 17.22 12.94 4.91
CA TRP B 290 16.11 12.66 5.86
C TRP B 290 16.45 12.95 7.34
N ASP B 291 17.68 12.66 7.73
CA ASP B 291 18.11 12.90 9.11
C ASP B 291 18.26 14.39 9.49
N ARG B 292 18.13 15.30 8.54
CA ARG B 292 18.34 16.68 8.88
C ARG B 292 17.09 17.50 8.73
N GLN B 293 15.95 16.85 8.70
CA GLN B 293 14.71 17.53 8.40
C GLN B 293 14.09 18.17 9.64
N ARG B 294 13.51 19.36 9.46
CA ARG B 294 12.92 20.04 10.59
C ARG B 294 11.55 19.46 10.89
N TYR B 295 10.91 18.90 9.88
CA TYR B 295 9.57 18.29 10.02
C TYR B 295 9.61 16.77 9.84
N GLU B 296 8.98 16.07 10.77
CA GLU B 296 9.02 14.61 10.80
C GLU B 296 8.46 14.05 9.51
N THR B 297 7.34 14.62 9.07
CA THR B 297 6.72 14.15 7.84
C THR B 297 7.72 14.09 6.69
N ALA B 298 8.54 15.13 6.55
CA ALA B 298 9.53 15.11 5.50
C ALA B 298 10.46 13.87 5.60
N SER B 299 11.07 13.66 6.77
CA SER B 299 11.93 12.48 6.98
C SER B 299 11.20 11.22 6.53
N TYR B 300 9.98 11.09 7.02
CA TYR B 300 9.16 9.94 6.68
C TYR B 300 9.14 9.71 5.14
N CYS B 301 8.74 10.70 4.38
CA CYS B 301 8.68 10.58 2.91
C CYS B 301 10.00 10.20 2.29
N LEU B 302 11.04 10.92 2.65
CA LEU B 302 12.34 10.68 2.06
C LEU B 302 12.77 9.23 2.28
N THR B 303 12.55 8.70 3.49
CA THR B 303 12.93 7.31 3.75
C THR B 303 12.12 6.32 2.92
N GLN B 304 10.87 6.66 2.63
CA GLN B 304 10.04 5.78 1.80
C GLN B 304 10.45 5.95 0.33
N ILE B 305 10.82 7.17 -0.03
CA ILE B 305 11.26 7.49 -1.39
C ILE B 305 12.51 6.72 -1.81
N SER B 306 13.29 6.24 -0.84
CA SER B 306 14.47 5.47 -1.18
C SER B 306 14.13 4.14 -1.84
N LEU B 307 12.93 3.65 -1.65
CA LEU B 307 12.66 2.30 -2.16
C LEU B 307 12.24 2.29 -3.64
N TYR B 308 11.86 3.46 -4.15
CA TYR B 308 11.72 3.61 -5.59
C TYR B 308 13.07 3.40 -6.24
N PHE B 309 14.13 3.88 -5.58
CA PHE B 309 15.48 3.67 -6.12
C PHE B 309 15.76 2.22 -6.14
N THR B 310 15.47 1.53 -5.04
CA THR B 310 15.82 0.11 -4.93
C THR B 310 15.12 -0.73 -5.99
N ALA B 311 13.81 -0.57 -6.11
CA ALA B 311 13.01 -1.43 -6.96
C ALA B 311 13.08 -0.99 -8.43
N MET B 312 13.00 0.32 -8.65
CA MET B 312 12.82 0.92 -9.98
C MET B 312 14.07 1.55 -10.61
N ALA B 313 14.85 2.32 -9.87
CA ALA B 313 16.03 2.94 -10.48
C ALA B 313 17.27 2.03 -10.48
N ASN B 314 18.35 2.48 -9.86
CA ASN B 314 19.58 1.71 -9.75
C ASN B 314 19.45 0.36 -9.04
N GLY B 315 18.62 0.28 -8.02
CA GLY B 315 18.61 -0.92 -7.19
C GLY B 315 19.70 -0.91 -6.14
N ASN B 316 20.24 0.27 -5.85
CA ASN B 316 21.45 0.40 -5.04
C ASN B 316 21.78 1.83 -4.55
N SER B 317 20.91 2.78 -4.83
CA SER B 317 21.05 4.12 -4.24
C SER B 317 19.88 4.46 -3.31
N LYS B 318 19.92 5.66 -2.73
CA LYS B 318 18.88 6.04 -1.82
C LYS B 318 18.97 7.52 -1.43
N MET B 319 17.96 8.03 -0.75
CA MET B 319 18.09 9.28 -0.04
C MET B 319 19.06 9.09 1.14
N PHE B 320 20.09 9.93 1.19
CA PHE B 320 21.21 9.75 2.12
C PHE B 320 20.88 10.08 3.56
N HIS B 321 21.39 9.27 4.47
CA HIS B 321 21.56 9.75 5.81
C HIS B 321 22.85 10.54 5.73
N SER B 322 22.88 11.74 6.28
CA SER B 322 24.06 12.57 6.08
C SER B 322 25.37 11.91 6.53
N ASP B 323 25.37 11.09 7.57
CA ASP B 323 26.66 10.51 8.01
C ASP B 323 27.32 9.77 6.88
N ASP B 324 26.49 9.18 6.04
CA ASP B 324 26.96 8.42 4.91
C ASP B 324 27.41 9.31 3.77
N LEU B 325 26.65 10.36 3.48
CA LEU B 325 27.08 11.31 2.47
C LEU B 325 28.43 11.91 2.86
N ILE B 326 28.56 12.29 4.13
CA ILE B 326 29.80 12.84 4.63
C ILE B 326 30.98 11.86 4.58
N ARG B 327 30.79 10.62 5.06
CA ARG B 327 31.83 9.61 4.88
C ARG B 327 32.32 9.57 3.44
N CYS B 328 31.42 9.25 2.52
CA CYS B 328 31.70 9.25 1.10
C CYS B 328 32.55 10.44 0.67
N ILE B 329 32.12 11.63 1.08
CA ILE B 329 32.84 12.86 0.71
C ILE B 329 34.31 12.80 1.14
N GLU B 330 34.54 12.30 2.35
CA GLU B 330 35.88 12.25 2.89
C GLU B 330 36.74 11.17 2.27
N ASN B 331 36.13 10.07 1.86
CA ASN B 331 36.88 9.08 1.11
C ASN B 331 37.33 9.64 -0.25
N ALA B 332 36.46 10.41 -0.91
CA ALA B 332 36.83 11.08 -2.16
C ALA B 332 37.96 12.12 -1.94
N GLY B 333 38.29 12.37 -0.67
CA GLY B 333 39.44 13.20 -0.34
C GLY B 333 39.10 14.67 -0.24
N LEU B 334 37.83 14.96 0.02
CA LEU B 334 37.41 16.33 0.29
C LEU B 334 37.07 16.47 1.76
N GLU B 335 36.57 17.62 2.13
CA GLU B 335 36.12 17.85 3.49
C GLU B 335 35.04 18.89 3.44
N VAL B 336 34.06 18.76 4.32
CA VAL B 336 32.95 19.67 4.34
C VAL B 336 33.29 20.83 5.25
N GLU B 337 33.21 22.05 4.72
CA GLU B 337 33.48 23.24 5.51
C GLU B 337 32.19 23.74 6.12
N GLU B 338 31.17 23.93 5.29
CA GLU B 338 29.96 24.50 5.81
C GLU B 338 28.76 23.64 5.45
N ILE B 339 27.68 23.82 6.17
CA ILE B 339 26.54 22.94 6.02
C ILE B 339 25.27 23.71 6.34
N GLN B 340 24.59 24.18 5.32
CA GLN B 340 23.35 24.92 5.51
C GLN B 340 22.19 24.04 5.11
N ASP B 341 21.16 24.00 5.92
CA ASP B 341 20.02 23.19 5.52
C ASP B 341 18.71 23.86 5.87
N ASN B 342 17.63 23.10 5.80
CA ASN B 342 16.29 23.67 5.90
C ASN B 342 15.96 24.63 4.79
N ILE B 343 16.64 24.55 3.66
CA ILE B 343 16.24 25.44 2.57
C ILE B 343 15.17 24.78 1.71
N GLY B 344 14.31 25.62 1.14
CA GLY B 344 13.12 25.16 0.42
C GLY B 344 12.32 24.11 1.20
N LEU B 345 11.81 23.12 0.48
CA LEU B 345 11.06 22.07 1.16
C LEU B 345 11.95 21.08 1.91
N GLY B 346 13.12 21.51 2.40
CA GLY B 346 13.97 20.66 3.22
C GLY B 346 15.28 20.23 2.58
N HIS B 347 15.86 21.11 1.77
CA HIS B 347 17.17 20.87 1.16
C HIS B 347 18.35 21.28 2.03
N SER B 348 19.47 20.56 1.90
CA SER B 348 20.74 21.00 2.51
C SER B 348 21.80 21.08 1.42
N ILE B 349 22.68 22.05 1.61
CA ILE B 349 23.81 22.21 0.75
C ILE B 349 25.06 22.10 1.60
N LEU B 350 25.96 21.21 1.19
CA LEU B 350 27.28 21.06 1.81
C LEU B 350 28.33 21.76 0.96
N GLN B 351 29.03 22.70 1.58
CA GLN B 351 30.15 23.35 0.92
C GLN B 351 31.44 22.64 1.33
N CYS B 352 32.16 22.16 0.32
CA CYS B 352 33.37 21.34 0.52
C CYS B 352 34.53 21.89 -0.27
N ARG B 353 35.68 21.24 -0.06
CA ARG B 353 36.91 21.67 -0.64
C ARG B 353 37.90 20.54 -0.46
N LEU B 354 39.02 20.56 -1.19
CA LEU B 354 40.05 19.52 -1.11
C LEU B 354 40.66 19.43 0.28
N LYS B 355 40.82 18.21 0.77
CA LYS B 355 41.69 17.93 1.91
C LYS B 355 41.09 16.86 2.81
#